data_1O7M
#
_entry.id   1O7M
#
_cell.length_a   140.277
_cell.length_b   140.277
_cell.length_c   208.754
_cell.angle_alpha   90.00
_cell.angle_beta   90.00
_cell.angle_gamma   120.00
#
_symmetry.space_group_name_H-M   'H 3 2'
#
loop_
_entity.id
_entity.type
_entity.pdbx_description
1 polymer 'NAPHTHALENE 1,2-DIOXYGENASE ALPHA SUBUNIT'
2 polymer 'NAPHTHALENE 1,2-DIOXYGENASE BETA SUBUNIT'
3 non-polymer 1,2-ETHANEDIOL
4 non-polymer 'OXYGEN MOLECULE'
5 non-polymer 'SULFATE ION'
6 non-polymer 'FE2/S2 (INORGANIC) CLUSTER'
7 non-polymer 'FE (III) ION'
8 water water
#
loop_
_entity_poly.entity_id
_entity_poly.type
_entity_poly.pdbx_seq_one_letter_code
_entity_poly.pdbx_strand_id
1 'polypeptide(L)'
;MNYNNKILVSESGLSQKHLIHGDEELFQHELKTIFARNWLFLTHDSLIPAPGDYVTAKMGIDEVIVSRQNDGSIRAFLNV
CRHRGKTLVSVEAGNAKGFVCSYHGWGFGSNGELQSVPFEKDLYGESLNKKCLGLKEVARVESFHGFIYGCFDQEAPPLM
DYLGDAAWYLEPMFKHSGGLELVGPPGKVVIKANWKAPAENFVGDAYHVGWTHASSLRSGESIFSSLAGNAALPPEGAGL
QMTSKYGSGMGVLWDGYSGVHSADLVPELMAFGGAKQERLNKEIGDVRARIYRSHLNCTVFPNNSMLTCSGVFKVWNPID
ANTTEVWTYAIVEKDMPEDLKRRLADSVQRTFGPAGFWESDDNDNMETASQNGKKYQSRDSDLLSNLGFGEDVYGDAVYP
GVVGKSAIGETSYRGFYRAYQAHVSSSNWAEFEHASSTWHTELTKTTDR
;
A
2 'polypeptide(L)'
;MMINIQEDKLVSAHDAEEILRFFNCHDSALQQEATTLLTQEAHLLDIQAYRAWLEHCVGSEVQYQVISRELRAASERRYK
LNEAMNVYNENFQQLKVRVEHQLDPQNWGNSPKLRFTRFITNVQAAMDVNDKELLHIRSNVILHRARRGNQVDVFYAARE
DKWKRGEGGVRKLVQRFVDYPERILQTHNLMVFL
;
B
#
loop_
_chem_comp.id
_chem_comp.type
_chem_comp.name
_chem_comp.formula
EDO non-polymer 1,2-ETHANEDIOL 'C2 H6 O2'
FE non-polymer 'FE (III) ION' 'Fe 3'
FES non-polymer 'FE2/S2 (INORGANIC) CLUSTER' 'Fe2 S2'
OXY non-polymer 'OXYGEN MOLECULE' O2
SO4 non-polymer 'SULFATE ION' 'O4 S -2'
#
# COMPACT_ATOMS: atom_id res chain seq x y z
N MET A 1 26.09 12.34 -15.86
CA MET A 1 25.16 12.22 -17.02
C MET A 1 24.49 13.59 -17.27
N ASN A 2 24.53 14.09 -18.50
CA ASN A 2 23.79 15.29 -18.90
C ASN A 2 22.29 15.04 -19.18
N TYR A 3 21.43 15.34 -18.20
CA TYR A 3 20.01 15.00 -18.34
C TYR A 3 19.32 15.92 -19.35
N ASN A 4 20.01 16.98 -19.77
CA ASN A 4 19.45 17.85 -20.78
C ASN A 4 19.39 17.13 -22.11
N ASN A 5 20.42 16.33 -22.38
CA ASN A 5 20.66 15.69 -23.66
C ASN A 5 20.44 14.17 -23.70
N LYS A 6 20.69 13.49 -22.59
CA LYS A 6 20.57 12.02 -22.54
C LYS A 6 19.16 11.54 -22.90
N ILE A 7 19.09 10.66 -23.88
CA ILE A 7 17.81 10.09 -24.24
C ILE A 7 17.57 8.88 -23.35
N LEU A 8 16.88 9.12 -22.23
CA LEU A 8 16.53 8.05 -21.29
C LEU A 8 15.24 7.35 -21.78
N VAL A 9 14.38 8.16 -22.39
CA VAL A 9 13.14 7.66 -22.97
C VAL A 9 13.10 8.07 -24.42
N SER A 10 12.86 7.08 -25.28
CA SER A 10 12.87 7.31 -26.73
C SER A 10 11.57 8.04 -27.16
N GLU A 11 11.55 8.52 -28.42
CA GLU A 11 10.40 9.23 -28.95
C GLU A 11 9.15 8.38 -28.85
N SER A 12 8.05 9.03 -28.45
CA SER A 12 6.72 8.45 -28.28
C SER A 12 6.66 7.49 -27.12
N GLY A 13 7.67 7.52 -26.26
CA GLY A 13 7.77 6.68 -25.07
C GLY A 13 7.86 5.20 -25.44
N LEU A 14 8.44 4.92 -26.60
CA LEU A 14 8.47 3.55 -27.10
C LEU A 14 9.40 2.60 -26.36
N SER A 15 10.39 3.17 -25.68
CA SER A 15 11.37 2.38 -24.95
C SER A 15 12.03 3.26 -23.90
N GLN A 16 12.65 2.64 -22.88
CA GLN A 16 13.35 3.39 -21.84
C GLN A 16 14.66 2.65 -21.58
N LYS A 17 15.71 3.41 -21.28
CA LYS A 17 16.97 2.77 -20.91
C LYS A 17 16.81 2.06 -19.58
N HIS A 18 17.30 0.83 -19.51
CA HIS A 18 17.13 -0.01 -18.31
C HIS A 18 17.74 0.65 -17.07
N LEU A 19 18.81 1.43 -17.27
CA LEU A 19 19.45 2.11 -16.15
C LEU A 19 18.49 3.01 -15.37
N ILE A 20 17.38 3.42 -15.97
CA ILE A 20 16.51 4.30 -15.20
C ILE A 20 16.03 3.61 -13.91
N HIS A 21 16.00 2.27 -13.87
CA HIS A 21 15.56 1.57 -12.66
C HIS A 21 16.69 1.28 -11.69
N GLY A 22 17.93 1.59 -12.06
CA GLY A 22 19.05 1.33 -11.16
C GLY A 22 20.06 2.45 -10.87
N ASP A 23 20.04 3.52 -11.64
CA ASP A 23 21.13 4.50 -11.53
C ASP A 23 20.88 5.48 -10.37
N GLU A 24 21.75 5.48 -9.34
CA GLU A 24 21.59 6.34 -8.17
C GLU A 24 21.74 7.85 -8.49
N GLU A 25 22.60 8.22 -9.44
CA GLU A 25 22.70 9.63 -9.79
C GLU A 25 21.36 10.13 -10.38
N LEU A 26 20.72 9.28 -11.18
CA LEU A 26 19.40 9.62 -11.72
C LEU A 26 18.36 9.67 -10.61
N PHE A 27 18.46 8.76 -9.65
CA PHE A 27 17.56 8.80 -8.51
C PHE A 27 17.66 10.16 -7.82
N GLN A 28 18.85 10.64 -7.50
CA GLN A 28 19.04 11.93 -6.89
C GLN A 28 18.44 13.05 -7.76
N HIS A 29 18.61 12.94 -9.06
CA HIS A 29 18.05 13.91 -9.98
C HIS A 29 16.53 13.88 -10.04
N GLU A 30 15.94 12.72 -9.82
CA GLU A 30 14.49 12.61 -9.73
C GLU A 30 13.99 13.31 -8.49
N LEU A 31 14.77 13.28 -7.40
CA LEU A 31 14.35 13.97 -6.18
C LEU A 31 14.03 15.43 -6.54
N LYS A 32 14.86 16.01 -7.38
CA LYS A 32 14.67 17.37 -7.83
C LYS A 32 13.62 17.55 -8.90
N THR A 33 13.67 16.76 -9.96
CA THR A 33 12.82 17.00 -11.14
C THR A 33 11.49 16.27 -11.18
N ILE A 34 11.35 15.23 -10.33
CA ILE A 34 10.11 14.48 -10.22
C ILE A 34 9.44 14.78 -8.88
N PHE A 35 10.10 14.43 -7.78
CA PHE A 35 9.48 14.55 -6.45
C PHE A 35 9.33 15.94 -5.90
N ALA A 36 10.28 16.84 -6.15
CA ALA A 36 10.16 18.20 -5.64
C ALA A 36 9.26 19.08 -6.55
N ARG A 37 8.88 18.54 -7.69
CA ARG A 37 8.12 19.32 -8.68
C ARG A 37 6.66 18.95 -8.88
N ASN A 38 6.31 17.69 -8.61
CA ASN A 38 5.01 17.18 -8.97
C ASN A 38 4.13 16.96 -7.72
N TRP A 39 2.88 16.59 -7.95
CA TRP A 39 1.91 16.35 -6.90
C TRP A 39 2.06 14.91 -6.37
N LEU A 40 2.14 14.84 -5.02
CA LEU A 40 2.38 13.60 -4.24
C LEU A 40 1.29 13.36 -3.22
N PHE A 41 0.83 12.11 -3.10
CA PHE A 41 -0.29 11.83 -2.22
C PHE A 41 0.16 11.90 -0.74
N LEU A 42 -0.66 12.57 0.06
CA LEU A 42 -0.41 12.73 1.50
C LEU A 42 -1.35 11.92 2.38
N THR A 43 -2.63 12.20 2.27
CA THR A 43 -3.60 11.57 3.13
C THR A 43 -5.01 11.78 2.58
N HIS A 44 -5.99 11.43 3.39
CA HIS A 44 -7.39 11.59 3.06
C HIS A 44 -8.06 12.31 4.21
N ASP A 45 -9.08 13.10 3.89
CA ASP A 45 -9.89 13.75 4.91
C ASP A 45 -10.30 12.77 5.99
N SER A 46 -10.60 11.54 5.60
CA SER A 46 -11.15 10.54 6.54
C SER A 46 -10.15 10.13 7.60
N LEU A 47 -8.88 10.44 7.35
CA LEU A 47 -7.82 10.10 8.28
C LEU A 47 -7.43 11.28 9.18
N ILE A 48 -7.75 12.51 8.80
CA ILE A 48 -7.50 13.65 9.68
C ILE A 48 -8.73 14.56 9.64
N PRO A 49 -9.88 14.07 10.09
CA PRO A 49 -11.13 14.84 9.96
C PRO A 49 -11.32 15.98 10.92
N ALA A 50 -10.76 15.92 12.11
CA ALA A 50 -10.98 16.94 13.14
C ALA A 50 -9.81 17.86 13.33
N PRO A 51 -10.07 19.09 13.79
CA PRO A 51 -9.01 20.04 14.08
C PRO A 51 -7.99 19.43 14.99
N GLY A 52 -6.73 19.60 14.65
CA GLY A 52 -5.63 19.02 15.42
C GLY A 52 -5.21 17.63 14.94
N ASP A 53 -6.04 16.96 14.16
CA ASP A 53 -5.65 15.64 13.68
C ASP A 53 -4.44 15.80 12.73
N TYR A 54 -3.48 14.89 12.83
CA TYR A 54 -2.34 14.94 11.92
C TYR A 54 -1.88 13.55 11.54
N VAL A 55 -1.14 13.46 10.43
CA VAL A 55 -0.42 12.26 10.11
C VAL A 55 0.95 12.66 9.61
N THR A 56 1.90 11.72 9.60
CA THR A 56 3.15 11.97 8.89
C THR A 56 3.06 11.23 7.58
N ALA A 57 3.71 11.78 6.57
CA ALA A 57 3.75 11.22 5.25
C ALA A 57 5.11 11.47 4.65
N LYS A 58 5.47 10.64 3.69
CA LYS A 58 6.63 10.92 2.89
C LYS A 58 6.24 11.75 1.65
N MET A 59 7.13 12.63 1.24
CA MET A 59 7.07 13.33 -0.05
C MET A 59 8.46 13.13 -0.65
N GLY A 60 8.57 12.12 -1.50
CA GLY A 60 9.88 11.77 -1.99
C GLY A 60 10.62 11.17 -0.76
N ILE A 61 11.87 11.61 -0.50
CA ILE A 61 12.55 11.08 0.66
C ILE A 61 12.33 11.95 1.89
N ASP A 62 11.65 13.08 1.73
CA ASP A 62 11.35 13.96 2.82
C ASP A 62 10.16 13.48 3.61
N GLU A 63 10.09 13.82 4.89
CA GLU A 63 8.94 13.48 5.71
C GLU A 63 8.24 14.76 6.13
N VAL A 64 6.93 14.76 6.02
CA VAL A 64 6.13 15.92 6.40
C VAL A 64 5.07 15.56 7.42
N ILE A 65 4.65 16.58 8.16
CA ILE A 65 3.52 16.54 9.07
C ILE A 65 2.37 17.17 8.31
N VAL A 66 1.23 16.52 8.29
CA VAL A 66 0.06 16.98 7.56
C VAL A 66 -1.05 17.16 8.60
N SER A 67 -1.48 18.40 8.80
CA SER A 67 -2.32 18.76 9.93
C SER A 67 -3.62 19.49 9.57
N ARG A 68 -4.70 19.05 10.18
CA ARG A 68 -5.98 19.72 10.02
C ARG A 68 -5.97 20.96 10.91
N GLN A 69 -6.10 22.13 10.28
CA GLN A 69 -6.13 23.41 10.99
C GLN A 69 -7.50 23.69 11.59
N ASN A 70 -7.56 24.66 12.51
CA ASN A 70 -8.83 25.08 13.15
C ASN A 70 -9.90 25.58 12.18
N ASP A 71 -9.47 26.16 11.07
CA ASP A 71 -10.37 26.74 10.07
C ASP A 71 -10.84 25.69 9.04
N GLY A 72 -10.43 24.44 9.24
CA GLY A 72 -10.86 23.35 8.36
C GLY A 72 -9.93 23.02 7.20
N SER A 73 -8.90 23.85 6.99
CA SER A 73 -7.94 23.64 5.92
C SER A 73 -6.89 22.64 6.37
N ILE A 74 -6.06 22.21 5.45
CA ILE A 74 -4.95 21.34 5.81
C ILE A 74 -3.66 22.01 5.42
N ARG A 75 -2.69 22.02 6.32
CA ARG A 75 -1.36 22.52 5.97
C ARG A 75 -0.35 21.42 6.25
N ALA A 76 0.77 21.44 5.54
CA ALA A 76 1.80 20.43 5.74
C ALA A 76 3.17 21.06 5.86
N PHE A 77 3.99 20.51 6.73
CA PHE A 77 5.26 21.07 7.08
C PHE A 77 6.33 19.99 7.13
N LEU A 78 7.55 20.35 6.79
CA LEU A 78 8.68 19.43 6.94
C LEU A 78 8.77 19.00 8.40
N ASN A 79 8.99 17.72 8.65
CA ASN A 79 9.06 17.20 10.03
C ASN A 79 10.48 17.36 10.55
N VAL A 80 10.90 18.61 10.62
CA VAL A 80 12.28 18.94 10.99
C VAL A 80 12.28 20.24 11.77
N CYS A 81 12.88 20.20 12.96
CA CYS A 81 12.99 21.37 13.82
C CYS A 81 13.85 22.48 13.22
N ARG A 82 13.36 23.71 13.36
CA ARG A 82 14.05 24.87 12.81
C ARG A 82 15.30 25.30 13.56
N HIS A 83 15.53 24.72 14.75
CA HIS A 83 16.68 24.99 15.55
C HIS A 83 17.91 24.18 15.11
N ARG A 84 18.08 22.92 15.63
CA ARG A 84 19.23 22.06 15.25
C ARG A 84 18.82 20.85 14.36
N GLY A 85 17.60 20.83 13.85
CA GLY A 85 17.26 19.87 12.80
C GLY A 85 16.78 18.49 13.16
N LYS A 86 16.39 18.31 14.42
CA LYS A 86 15.88 17.05 14.94
C LYS A 86 14.52 16.78 14.32
N THR A 87 14.16 15.51 14.17
CA THR A 87 12.84 15.15 13.68
C THR A 87 11.84 15.49 14.76
N LEU A 88 10.84 16.25 14.41
CA LEU A 88 9.89 16.73 15.38
C LEU A 88 8.91 15.68 15.89
N VAL A 89 8.27 14.98 14.96
CA VAL A 89 7.22 14.03 15.30
C VAL A 89 7.66 12.60 14.99
N SER A 90 7.55 11.72 15.98
CA SER A 90 8.02 10.34 15.87
C SER A 90 6.90 9.32 15.69
N VAL A 91 5.66 9.79 15.67
CA VAL A 91 4.52 8.91 15.48
C VAL A 91 3.92 9.06 14.08
N GLU A 92 2.98 8.19 13.74
CA GLU A 92 2.40 8.15 12.40
C GLU A 92 1.10 8.95 12.28
N ALA A 93 0.40 9.11 13.42
CA ALA A 93 -0.86 9.83 13.47
C ALA A 93 -1.20 10.22 14.90
N GLY A 94 -2.04 11.22 15.04
CA GLY A 94 -2.45 11.64 16.37
C GLY A 94 -3.33 12.87 16.30
N ASN A 95 -3.57 13.47 17.45
CA ASN A 95 -4.27 14.74 17.55
C ASN A 95 -3.52 15.64 18.53
N ALA A 96 -3.22 16.86 18.11
CA ALA A 96 -2.48 17.78 18.95
C ALA A 96 -2.64 19.20 18.48
N LYS A 97 -2.45 20.16 19.39
CA LYS A 97 -2.51 21.60 19.09
C LYS A 97 -1.15 22.15 18.62
N GLY A 98 -0.11 21.37 18.87
CA GLY A 98 1.25 21.76 18.53
C GLY A 98 2.19 20.59 18.72
N PHE A 99 3.46 20.83 18.43
CA PHE A 99 4.47 19.82 18.51
C PHE A 99 5.69 20.41 19.17
N VAL A 100 6.16 19.76 20.22
CA VAL A 100 7.34 20.20 20.96
C VAL A 100 8.55 19.32 20.61
N CYS A 101 9.67 19.97 20.32
CA CYS A 101 10.90 19.28 19.99
C CYS A 101 11.56 18.72 21.23
N SER A 102 11.89 17.44 21.20
CA SER A 102 12.47 16.74 22.34
C SER A 102 13.95 17.11 22.59
N TYR A 103 14.56 17.89 21.71
CA TYR A 103 15.97 18.21 21.90
C TYR A 103 16.09 19.41 22.85
N HIS A 104 15.65 20.58 22.41
CA HIS A 104 15.66 21.78 23.28
C HIS A 104 14.28 22.32 23.64
N GLY A 105 13.22 21.62 23.29
CA GLY A 105 11.91 22.00 23.77
C GLY A 105 11.17 23.10 23.03
N TRP A 106 11.66 23.51 21.86
CA TRP A 106 10.95 24.51 21.04
C TRP A 106 9.57 23.98 20.71
N GLY A 107 8.56 24.86 20.81
CA GLY A 107 7.20 24.48 20.56
C GLY A 107 6.59 25.14 19.33
N PHE A 108 6.10 24.29 18.43
CA PHE A 108 5.50 24.74 17.21
C PHE A 108 4.00 24.44 17.24
N GLY A 109 3.23 25.33 16.64
CA GLY A 109 1.81 25.09 16.53
C GLY A 109 1.49 24.13 15.40
N SER A 110 0.24 23.66 15.41
CA SER A 110 -0.31 22.86 14.32
C SER A 110 -0.28 23.65 13.01
N ASN A 111 -0.14 24.98 13.10
CA ASN A 111 -0.04 25.85 11.94
C ASN A 111 1.41 26.13 11.57
N GLY A 112 2.34 25.42 12.19
CA GLY A 112 3.74 25.53 11.85
C GLY A 112 4.48 26.66 12.49
N GLU A 113 3.77 27.52 13.21
CA GLU A 113 4.41 28.70 13.78
C GLU A 113 5.25 28.33 14.97
N LEU A 114 6.39 29.00 15.16
CA LEU A 114 7.18 28.80 16.37
C LEU A 114 6.47 29.60 17.44
N GLN A 115 5.93 28.92 18.43
CA GLN A 115 5.07 29.53 19.45
C GLN A 115 5.76 29.79 20.77
N SER A 116 6.69 28.92 21.12
CA SER A 116 7.38 29.05 22.39
C SER A 116 8.77 28.46 22.30
N VAL A 117 9.66 29.07 23.07
CA VAL A 117 11.03 28.67 23.16
C VAL A 117 11.28 28.69 24.66
N PRO A 118 11.78 27.61 25.26
CA PRO A 118 12.02 27.62 26.71
C PRO A 118 12.98 28.71 27.11
N PHE A 119 12.63 29.39 28.22
CA PHE A 119 13.44 30.46 28.80
C PHE A 119 13.75 31.57 27.78
N GLU A 120 12.77 31.84 26.87
CA GLU A 120 13.01 32.82 25.84
C GLU A 120 13.52 34.14 26.38
N LYS A 121 12.82 34.69 27.38
CA LYS A 121 13.15 36.01 27.89
C LYS A 121 14.55 36.05 28.46
N ASP A 122 14.89 35.08 29.31
CA ASP A 122 16.20 35.00 29.95
C ASP A 122 17.38 34.71 28.99
N LEU A 123 17.15 33.95 27.92
CA LEU A 123 18.26 33.51 27.06
C LEU A 123 18.39 34.33 25.81
N TYR A 124 17.26 34.54 25.16
CA TYR A 124 17.29 35.25 23.89
C TYR A 124 16.91 36.71 23.99
N GLY A 125 16.27 37.06 25.10
CA GLY A 125 15.74 38.41 25.31
C GLY A 125 14.73 38.68 24.21
N GLU A 126 14.90 39.78 23.52
CA GLU A 126 14.03 40.08 22.38
C GLU A 126 14.75 39.76 21.05
N SER A 127 15.88 39.04 21.10
CA SER A 127 16.69 38.80 19.88
C SER A 127 16.09 37.77 18.92
N LEU A 128 15.26 36.86 19.44
CA LEU A 128 14.71 35.79 18.61
C LEU A 128 13.51 36.22 17.75
N ASN A 129 13.68 36.13 16.44
CA ASN A 129 12.60 36.47 15.54
C ASN A 129 11.75 35.24 15.19
N LYS A 130 10.84 34.86 16.10
CA LYS A 130 10.04 33.63 15.96
C LYS A 130 9.21 33.66 14.67
N LYS A 131 8.81 34.85 14.25
CA LYS A 131 7.98 34.96 13.07
C LYS A 131 8.68 34.38 11.82
N CYS A 132 10.02 34.34 11.84
CA CYS A 132 10.80 33.82 10.73
C CYS A 132 11.27 32.39 10.94
N LEU A 133 10.78 31.78 12.00
CA LEU A 133 11.28 30.46 12.41
C LEU A 133 10.18 29.41 12.40
N GLY A 134 9.16 29.61 11.58
CA GLY A 134 8.13 28.57 11.48
C GLY A 134 8.63 27.39 10.67
N LEU A 135 8.01 26.24 10.85
CA LEU A 135 8.42 25.02 10.11
C LEU A 135 8.34 25.27 8.61
N LYS A 136 9.26 24.67 7.87
CA LYS A 136 9.28 24.79 6.41
C LYS A 136 8.00 24.21 5.81
N GLU A 137 7.21 25.06 5.16
CA GLU A 137 5.88 24.66 4.70
C GLU A 137 5.85 24.15 3.25
N VAL A 138 5.06 23.09 3.07
CA VAL A 138 4.81 22.58 1.74
C VAL A 138 4.01 23.66 1.00
N ALA A 139 4.52 24.15 -0.11
CA ALA A 139 3.90 25.29 -0.79
C ALA A 139 2.44 25.07 -1.19
N ARG A 140 2.12 23.87 -1.62
CA ARG A 140 0.80 23.61 -2.18
C ARG A 140 0.19 22.34 -1.68
N VAL A 141 -1.06 22.45 -1.25
CA VAL A 141 -1.82 21.34 -0.70
C VAL A 141 -3.23 21.46 -1.25
N GLU A 142 -3.69 20.44 -1.97
CA GLU A 142 -4.98 20.51 -2.59
C GLU A 142 -5.68 19.16 -2.48
N SER A 143 -7.00 19.18 -2.65
CA SER A 143 -7.83 18.00 -2.51
C SER A 143 -8.55 17.59 -3.78
N PHE A 144 -8.63 16.30 -4.01
CA PHE A 144 -9.48 15.77 -5.09
C PHE A 144 -10.50 14.87 -4.44
N HIS A 145 -11.68 15.42 -4.14
CA HIS A 145 -12.76 14.65 -3.50
C HIS A 145 -12.27 13.93 -2.25
N GLY A 146 -11.50 14.67 -1.44
CA GLY A 146 -11.04 14.19 -0.12
C GLY A 146 -9.64 13.60 -0.09
N PHE A 147 -9.12 13.31 -1.25
CA PHE A 147 -7.76 12.81 -1.37
C PHE A 147 -6.80 14.00 -1.43
N ILE A 148 -5.91 14.10 -0.44
CA ILE A 148 -5.03 15.25 -0.27
C ILE A 148 -3.64 15.00 -0.84
N TYR A 149 -3.21 15.92 -1.71
CA TYR A 149 -1.91 15.87 -2.34
C TYR A 149 -1.14 17.12 -2.01
N GLY A 150 0.19 16.97 -2.00
CA GLY A 150 1.09 18.09 -1.76
C GLY A 150 2.08 18.27 -2.90
N CYS A 151 2.59 19.48 -3.03
CA CYS A 151 3.63 19.77 -4.00
C CYS A 151 4.52 20.87 -3.45
N PHE A 152 5.83 20.66 -3.50
CA PHE A 152 6.81 21.62 -2.99
C PHE A 152 7.00 22.79 -3.95
N ASP A 153 6.53 22.65 -5.19
CA ASP A 153 6.76 23.64 -6.25
C ASP A 153 5.53 24.54 -6.43
N GLN A 154 5.64 25.77 -5.99
CA GLN A 154 4.55 26.73 -6.12
C GLN A 154 4.12 26.95 -7.57
N GLU A 155 4.97 26.58 -8.53
CA GLU A 155 4.67 26.83 -9.93
C GLU A 155 3.83 25.73 -10.60
N ALA A 156 3.54 24.66 -9.88
CA ALA A 156 2.79 23.53 -10.42
C ALA A 156 1.37 23.92 -10.84
N PRO A 157 0.81 23.20 -11.80
CA PRO A 157 -0.57 23.39 -12.16
C PRO A 157 -1.41 22.99 -11.00
N PRO A 158 -2.63 23.50 -10.90
CA PRO A 158 -3.56 23.01 -9.92
C PRO A 158 -3.71 21.48 -10.11
N LEU A 159 -3.97 20.80 -9.01
CA LEU A 159 -4.10 19.36 -9.00
C LEU A 159 -5.09 18.89 -10.05
N MET A 160 -6.21 19.58 -10.18
CA MET A 160 -7.23 19.14 -11.14
C MET A 160 -6.68 19.18 -12.58
N ASP A 161 -6.02 20.26 -12.95
CA ASP A 161 -5.41 20.35 -14.27
C ASP A 161 -4.31 19.31 -14.46
N TYR A 162 -3.58 19.05 -13.38
CA TYR A 162 -2.49 18.06 -13.40
C TYR A 162 -3.01 16.67 -13.70
N LEU A 163 -4.20 16.36 -13.21
CA LEU A 163 -4.82 15.05 -13.47
C LEU A 163 -5.22 14.96 -14.95
N GLY A 164 -5.40 16.13 -15.56
CA GLY A 164 -5.71 16.19 -16.98
C GLY A 164 -6.84 15.27 -17.37
N ASP A 165 -6.65 14.53 -18.45
CA ASP A 165 -7.73 13.68 -18.95
C ASP A 165 -8.06 12.50 -18.05
N ALA A 166 -7.18 12.15 -17.12
CA ALA A 166 -7.49 11.06 -16.21
C ALA A 166 -8.62 11.40 -15.25
N ALA A 167 -8.81 12.68 -14.97
CA ALA A 167 -9.84 13.09 -14.01
C ALA A 167 -11.21 12.60 -14.45
N TRP A 168 -11.49 12.64 -15.73
CA TRP A 168 -12.80 12.27 -16.22
C TRP A 168 -13.16 10.81 -15.86
N TYR A 169 -12.14 9.96 -15.91
CA TYR A 169 -12.30 8.54 -15.61
C TYR A 169 -12.44 8.30 -14.13
N LEU A 170 -11.75 9.07 -13.30
CA LEU A 170 -11.84 8.89 -11.82
C LEU A 170 -13.13 9.44 -11.20
N GLU A 171 -13.69 10.48 -11.81
CA GLU A 171 -14.84 11.16 -11.22
C GLU A 171 -16.05 10.29 -10.87
N PRO A 172 -16.46 9.34 -11.72
CA PRO A 172 -17.63 8.54 -11.36
C PRO A 172 -17.45 7.89 -9.98
N MET A 173 -16.30 7.28 -9.76
CA MET A 173 -16.03 6.64 -8.47
C MET A 173 -15.66 7.66 -7.38
N PHE A 174 -14.86 8.66 -7.70
CA PHE A 174 -14.36 9.59 -6.65
C PHE A 174 -15.38 10.63 -6.26
N LYS A 175 -16.26 10.97 -7.19
CA LYS A 175 -17.22 12.02 -6.92
C LYS A 175 -18.68 11.53 -6.97
N HIS A 176 -19.07 10.97 -8.10
CA HIS A 176 -20.49 10.66 -8.28
C HIS A 176 -21.04 9.53 -7.45
N SER A 177 -20.13 8.72 -6.89
CA SER A 177 -20.50 7.62 -6.02
C SER A 177 -20.98 8.10 -4.67
N GLY A 178 -20.82 9.39 -4.40
CA GLY A 178 -21.12 9.91 -3.09
C GLY A 178 -19.83 10.15 -2.31
N GLY A 179 -18.71 9.68 -2.83
CA GLY A 179 -17.44 9.89 -2.17
C GLY A 179 -16.84 8.63 -1.58
N LEU A 180 -15.52 8.66 -1.49
CA LEU A 180 -14.77 7.52 -0.95
C LEU A 180 -14.14 7.93 0.34
N GLU A 181 -13.89 6.93 1.17
CA GLU A 181 -13.06 7.14 2.34
C GLU A 181 -11.87 6.21 2.25
N LEU A 182 -10.82 6.60 2.90
CA LEU A 182 -9.62 5.88 2.94
C LEU A 182 -9.58 5.16 4.25
N VAL A 183 -9.43 3.83 4.26
CA VAL A 183 -9.36 3.09 5.50
C VAL A 183 -7.87 2.86 5.84
N GLY A 184 -7.46 3.40 6.99
CA GLY A 184 -6.12 3.21 7.51
C GLY A 184 -6.13 2.30 8.72
N PRO A 185 -4.96 2.06 9.30
CA PRO A 185 -3.69 2.58 8.83
C PRO A 185 -3.24 1.72 7.66
N PRO A 186 -2.24 2.18 6.95
CA PRO A 186 -1.77 1.40 5.80
C PRO A 186 -0.84 0.32 6.23
N GLY A 187 -0.81 -0.72 5.41
CA GLY A 187 0.32 -1.62 5.49
C GLY A 187 1.55 -0.90 4.98
N LYS A 188 2.70 -1.28 5.53
CA LYS A 188 3.98 -0.71 5.14
C LYS A 188 5.08 -1.76 5.00
N VAL A 189 5.66 -1.86 3.82
CA VAL A 189 6.68 -2.86 3.51
C VAL A 189 7.74 -2.31 2.56
N VAL A 190 8.99 -2.63 2.83
CA VAL A 190 10.07 -2.24 1.92
C VAL A 190 10.34 -3.37 0.92
N ILE A 191 10.42 -2.97 -0.35
CA ILE A 191 10.75 -3.89 -1.44
C ILE A 191 12.03 -3.41 -2.12
N LYS A 192 12.77 -4.33 -2.71
CA LYS A 192 14.04 -3.99 -3.33
C LYS A 192 13.80 -3.71 -4.81
N ALA A 193 12.94 -2.73 -5.04
CA ALA A 193 12.64 -2.31 -6.40
C ALA A 193 12.67 -0.79 -6.50
N ASN A 194 12.85 -0.31 -7.72
CA ASN A 194 12.72 1.10 -8.02
C ASN A 194 11.23 1.48 -7.99
N TRP A 195 10.93 2.69 -7.55
CA TRP A 195 9.55 3.14 -7.42
C TRP A 195 8.81 3.09 -8.76
N LYS A 196 9.54 3.19 -9.86
CA LYS A 196 8.90 3.25 -11.19
C LYS A 196 8.39 1.89 -11.62
N ALA A 197 8.95 0.82 -11.02
CA ALA A 197 8.58 -0.52 -11.40
C ALA A 197 7.11 -0.76 -11.04
N PRO A 198 6.70 -0.61 -9.79
CA PRO A 198 5.26 -0.74 -9.48
C PRO A 198 4.43 0.35 -10.11
N ALA A 199 4.95 1.58 -10.14
CA ALA A 199 4.20 2.67 -10.78
C ALA A 199 3.84 2.35 -12.25
N GLU A 200 4.78 1.81 -13.02
CA GLU A 200 4.51 1.54 -14.43
C GLU A 200 3.55 0.35 -14.53
N ASN A 201 3.67 -0.60 -13.59
CA ASN A 201 2.87 -1.80 -13.63
C ASN A 201 1.39 -1.46 -13.42
N PHE A 202 1.13 -0.63 -12.41
CA PHE A 202 -0.24 -0.18 -12.10
C PHE A 202 -0.81 0.79 -13.14
N VAL A 203 0.02 1.65 -13.74
CA VAL A 203 -0.51 2.61 -14.70
C VAL A 203 -1.03 2.00 -15.98
N GLY A 204 -0.43 0.91 -16.47
CA GLY A 204 -0.92 0.38 -17.73
C GLY A 204 -0.51 -1.03 -18.07
N ASP A 205 -0.38 -1.90 -17.06
CA ASP A 205 0.00 -3.26 -17.37
C ASP A 205 -1.07 -4.30 -17.07
N ALA A 206 -1.95 -4.50 -18.03
CA ALA A 206 -2.90 -5.60 -17.92
C ALA A 206 -2.31 -6.89 -18.54
N TYR A 207 -1.26 -6.76 -19.35
CA TYR A 207 -0.67 -7.92 -20.07
C TYR A 207 -0.16 -8.94 -19.08
N HIS A 208 0.36 -8.49 -17.93
CA HIS A 208 1.00 -9.42 -17.00
C HIS A 208 0.01 -10.24 -16.19
N VAL A 209 -1.23 -9.76 -16.09
CA VAL A 209 -2.18 -10.35 -15.15
C VAL A 209 -2.35 -11.87 -15.27
N GLY A 210 -2.70 -12.34 -16.46
CA GLY A 210 -2.96 -13.76 -16.60
C GLY A 210 -1.78 -14.66 -16.29
N TRP A 211 -0.57 -14.18 -16.54
CA TRP A 211 0.60 -15.01 -16.35
C TRP A 211 1.22 -14.79 -14.97
N THR A 212 1.57 -13.55 -14.63
CA THR A 212 2.10 -13.25 -13.30
C THR A 212 1.19 -13.72 -12.19
N HIS A 213 -0.12 -13.47 -12.33
CA HIS A 213 -1.09 -13.76 -11.27
C HIS A 213 -1.86 -15.06 -11.50
N ALA A 214 -1.32 -15.93 -12.34
CA ALA A 214 -1.95 -17.22 -12.63
C ALA A 214 -2.44 -17.95 -11.37
N SER A 215 -1.57 -18.08 -10.37
CA SER A 215 -1.89 -18.80 -9.13
C SER A 215 -2.99 -18.10 -8.30
N SER A 216 -2.93 -16.77 -8.26
CA SER A 216 -3.90 -15.98 -7.48
C SER A 216 -5.28 -16.00 -8.14
N LEU A 217 -5.28 -15.92 -9.46
CA LEU A 217 -6.53 -15.99 -10.18
C LEU A 217 -7.21 -17.34 -9.92
N ARG A 218 -6.43 -18.40 -10.09
CA ARG A 218 -6.92 -19.75 -9.95
C ARG A 218 -7.37 -20.05 -8.55
N SER A 219 -6.53 -19.68 -7.58
CA SER A 219 -6.85 -20.02 -6.20
C SER A 219 -7.84 -19.08 -5.53
N GLY A 220 -7.64 -17.80 -5.83
CA GLY A 220 -8.34 -16.62 -5.31
C GLY A 220 -9.87 -16.54 -5.30
N GLU A 221 -10.54 -17.17 -6.25
CA GLU A 221 -12.00 -17.17 -6.28
C GLU A 221 -12.59 -15.81 -6.73
N SER A 222 -11.95 -15.12 -7.71
CA SER A 222 -12.31 -13.78 -8.18
C SER A 222 -12.92 -13.65 -9.59
N ILE A 223 -13.52 -12.49 -9.89
CA ILE A 223 -14.19 -12.25 -11.18
C ILE A 223 -13.30 -12.27 -12.42
N PHE A 224 -12.00 -11.99 -12.26
CA PHE A 224 -11.08 -11.97 -13.37
C PHE A 224 -10.38 -13.32 -13.57
N SER A 225 -10.84 -14.33 -12.84
CA SER A 225 -10.18 -15.65 -12.79
C SER A 225 -10.09 -16.43 -14.10
N SER A 226 -10.84 -16.04 -15.10
CA SER A 226 -10.80 -16.77 -16.35
C SER A 226 -9.46 -16.58 -17.03
N LEU A 227 -8.68 -15.64 -16.51
CA LEU A 227 -7.42 -15.28 -17.14
C LEU A 227 -6.27 -16.17 -16.71
N ALA A 228 -6.44 -16.95 -15.64
CA ALA A 228 -5.33 -17.74 -15.06
C ALA A 228 -4.54 -18.51 -16.12
N GLY A 229 -3.22 -18.31 -16.09
CA GLY A 229 -2.26 -18.97 -16.99
C GLY A 229 -2.48 -18.60 -18.45
N ASN A 230 -3.07 -17.44 -18.67
CA ASN A 230 -3.34 -17.02 -20.02
C ASN A 230 -4.18 -18.06 -20.73
N ALA A 231 -5.06 -18.70 -19.96
CA ALA A 231 -5.96 -19.71 -20.50
C ALA A 231 -6.93 -19.04 -21.46
N ALA A 232 -7.18 -17.75 -21.22
CA ALA A 232 -8.13 -16.99 -21.99
C ALA A 232 -7.74 -15.52 -22.05
N LEU A 233 -8.05 -14.88 -23.18
CA LEU A 233 -7.80 -13.46 -23.37
C LEU A 233 -9.13 -12.73 -23.20
N PRO A 234 -9.09 -11.53 -22.61
CA PRO A 234 -10.31 -10.73 -22.51
C PRO A 234 -11.00 -10.59 -23.85
N PRO A 235 -12.30 -10.42 -23.78
CA PRO A 235 -13.17 -10.18 -24.95
C PRO A 235 -12.91 -8.92 -25.76
N GLU A 236 -13.81 -8.62 -26.67
CA GLU A 236 -13.96 -7.43 -27.49
C GLU A 236 -13.44 -6.11 -26.91
N GLY A 237 -14.36 -5.26 -26.67
CA GLY A 237 -14.00 -4.06 -26.04
C GLY A 237 -14.11 -4.44 -24.59
N ALA A 238 -13.23 -5.38 -24.11
CA ALA A 238 -13.34 -5.70 -22.69
C ALA A 238 -12.86 -4.51 -21.90
N GLY A 239 -12.18 -3.58 -22.56
CA GLY A 239 -11.67 -2.40 -21.86
C GLY A 239 -10.90 -1.48 -22.73
N LEU A 240 -10.20 -0.54 -22.07
CA LEU A 240 -9.40 0.44 -22.77
C LEU A 240 -8.25 0.90 -21.92
N GLN A 241 -7.38 1.69 -22.54
CA GLN A 241 -6.25 2.27 -21.86
C GLN A 241 -6.23 3.75 -22.13
N MET A 242 -5.77 4.54 -21.17
CA MET A 242 -5.67 5.99 -21.42
C MET A 242 -4.43 6.58 -20.75
N THR A 243 -4.01 7.72 -21.28
CA THR A 243 -2.91 8.45 -20.70
C THR A 243 -3.17 9.94 -20.90
N SER A 244 -2.43 10.75 -20.16
CA SER A 244 -2.61 12.20 -20.13
C SER A 244 -1.32 13.01 -20.19
N LYS A 245 -1.46 14.31 -20.31
CA LYS A 245 -0.36 15.22 -20.52
C LYS A 245 0.69 15.15 -19.43
N TYR A 246 0.25 15.14 -18.18
CA TYR A 246 1.11 15.22 -17.02
C TYR A 246 1.51 13.85 -16.50
N GLY A 247 1.21 12.80 -17.26
CA GLY A 247 1.76 11.49 -16.92
C GLY A 247 0.83 10.46 -16.35
N SER A 248 -0.26 10.90 -15.75
CA SER A 248 -1.23 9.98 -15.14
C SER A 248 -1.92 9.18 -16.24
N GLY A 249 -2.32 7.96 -15.91
CA GLY A 249 -2.94 7.08 -16.85
C GLY A 249 -3.58 5.89 -16.13
N MET A 250 -4.37 5.11 -16.87
CA MET A 250 -5.01 3.94 -16.29
C MET A 250 -5.52 3.02 -17.37
N GLY A 251 -5.76 1.79 -16.94
CA GLY A 251 -6.48 0.81 -17.70
C GLY A 251 -7.90 0.75 -17.15
N VAL A 252 -8.83 0.42 -18.03
CA VAL A 252 -10.24 0.29 -17.75
C VAL A 252 -10.66 -1.11 -18.17
N LEU A 253 -11.17 -1.88 -17.22
CA LEU A 253 -11.73 -3.20 -17.47
C LEU A 253 -13.21 -3.12 -17.23
N TRP A 254 -13.99 -3.03 -18.30
CA TRP A 254 -15.43 -2.84 -18.14
C TRP A 254 -16.10 -3.81 -17.18
N ASP A 255 -16.96 -3.24 -16.33
CA ASP A 255 -17.86 -3.94 -15.40
C ASP A 255 -17.20 -4.75 -14.27
N GLY A 256 -15.90 -4.73 -14.14
CA GLY A 256 -15.26 -5.61 -13.15
C GLY A 256 -15.30 -5.06 -11.72
N TYR A 257 -16.50 -4.73 -11.23
CA TYR A 257 -16.68 -4.10 -9.94
C TYR A 257 -16.22 -4.89 -8.72
N SER A 258 -16.23 -6.21 -8.77
CA SER A 258 -15.75 -7.00 -7.64
C SER A 258 -14.22 -7.17 -7.66
N GLY A 259 -13.60 -6.79 -8.76
CA GLY A 259 -12.14 -6.79 -8.88
C GLY A 259 -11.49 -8.08 -8.44
N VAL A 260 -10.46 -7.92 -7.62
CA VAL A 260 -9.66 -9.05 -7.17
C VAL A 260 -10.34 -9.79 -6.02
N HIS A 261 -11.44 -9.26 -5.53
CA HIS A 261 -12.08 -9.92 -4.40
C HIS A 261 -12.60 -11.33 -4.62
N SER A 262 -12.44 -12.10 -3.53
CA SER A 262 -12.83 -13.50 -3.42
C SER A 262 -14.29 -13.64 -3.50
N ALA A 263 -14.64 -14.82 -3.88
CA ALA A 263 -16.02 -15.16 -4.01
C ALA A 263 -16.80 -14.74 -2.77
N ASP A 264 -16.19 -14.67 -1.56
CA ASP A 264 -16.96 -14.33 -0.36
C ASP A 264 -17.50 -12.86 -0.41
N LEU A 265 -17.19 -12.17 -1.54
CA LEU A 265 -17.58 -10.75 -1.76
C LEU A 265 -18.15 -10.47 -3.16
N VAL A 266 -17.99 -11.38 -4.09
CA VAL A 266 -18.42 -11.10 -5.44
C VAL A 266 -19.92 -10.80 -5.60
N PRO A 267 -20.79 -11.67 -5.10
CA PRO A 267 -22.22 -11.40 -5.24
C PRO A 267 -22.66 -10.07 -4.61
N GLU A 268 -22.20 -9.82 -3.39
CA GLU A 268 -22.57 -8.63 -2.64
C GLU A 268 -22.17 -7.31 -3.34
N LEU A 269 -20.91 -7.26 -3.75
CA LEU A 269 -20.36 -6.15 -4.53
C LEU A 269 -21.03 -6.01 -5.89
N MET A 270 -21.20 -7.10 -6.64
CA MET A 270 -21.82 -6.96 -7.95
C MET A 270 -23.25 -6.39 -7.81
N ALA A 271 -23.94 -6.72 -6.73
CA ALA A 271 -25.26 -6.18 -6.45
C ALA A 271 -25.17 -4.70 -6.15
N PHE A 272 -24.27 -4.37 -5.22
CA PHE A 272 -24.09 -3.00 -4.75
C PHE A 272 -23.68 -2.05 -5.88
N GLY A 273 -22.65 -2.41 -6.66
CA GLY A 273 -22.24 -1.54 -7.76
C GLY A 273 -23.29 -1.40 -8.88
N GLY A 274 -23.99 -2.49 -9.18
CA GLY A 274 -25.02 -2.44 -10.20
C GLY A 274 -26.20 -1.55 -9.80
N ALA A 275 -26.61 -1.65 -8.55
CA ALA A 275 -27.66 -0.82 -7.95
C ALA A 275 -27.29 0.67 -8.06
N LYS A 276 -26.05 1.02 -7.68
CA LYS A 276 -25.61 2.41 -7.78
C LYS A 276 -25.53 2.89 -9.24
N GLN A 277 -25.01 2.03 -10.10
CA GLN A 277 -24.92 2.36 -11.52
C GLN A 277 -26.33 2.72 -12.05
N GLU A 278 -27.33 1.95 -11.65
CA GLU A 278 -28.69 2.20 -12.10
C GLU A 278 -29.12 3.62 -11.81
N ARG A 279 -28.83 4.09 -10.59
CA ARG A 279 -29.13 5.45 -10.13
C ARG A 279 -28.28 6.49 -10.87
N LEU A 280 -27.01 6.17 -11.17
CA LEU A 280 -26.11 7.10 -11.85
C LEU A 280 -26.39 7.27 -13.35
N ASN A 281 -27.05 6.29 -13.97
CA ASN A 281 -27.39 6.39 -15.36
C ASN A 281 -28.10 7.74 -15.61
N LYS A 282 -28.98 8.16 -14.68
CA LYS A 282 -29.85 9.36 -14.80
C LYS A 282 -29.13 10.68 -14.52
N GLU A 283 -28.06 10.57 -13.74
CA GLU A 283 -27.28 11.72 -13.31
C GLU A 283 -26.09 11.99 -14.24
N ILE A 284 -25.33 10.96 -14.63
CA ILE A 284 -24.13 11.19 -15.42
C ILE A 284 -24.07 10.50 -16.76
N GLY A 285 -25.14 9.81 -17.13
CA GLY A 285 -25.18 9.09 -18.38
C GLY A 285 -24.69 7.66 -18.26
N ASP A 286 -25.07 6.81 -19.21
CA ASP A 286 -24.74 5.40 -19.11
C ASP A 286 -23.23 5.11 -19.19
N VAL A 287 -22.51 5.79 -20.07
CA VAL A 287 -21.07 5.51 -20.21
C VAL A 287 -20.36 5.79 -18.89
N ARG A 288 -20.63 6.96 -18.30
CA ARG A 288 -19.92 7.32 -17.07
C ARG A 288 -20.35 6.49 -15.88
N ALA A 289 -21.63 6.11 -15.82
CA ALA A 289 -22.13 5.25 -14.75
C ALA A 289 -21.48 3.84 -14.86
N ARG A 290 -21.20 3.43 -16.07
CA ARG A 290 -20.54 2.17 -16.25
C ARG A 290 -19.07 2.27 -15.83
N ILE A 291 -18.43 3.39 -16.17
CA ILE A 291 -17.05 3.62 -15.74
C ILE A 291 -16.97 3.50 -14.21
N TYR A 292 -17.95 4.08 -13.50
CA TYR A 292 -18.02 3.97 -12.04
C TYR A 292 -17.80 2.53 -11.58
N ARG A 293 -18.50 1.59 -12.20
CA ARG A 293 -18.45 0.18 -11.77
C ARG A 293 -17.51 -0.67 -12.62
N SER A 294 -16.50 0.00 -13.21
CA SER A 294 -15.48 -0.65 -14.00
C SER A 294 -14.14 -0.53 -13.26
N HIS A 295 -13.35 -1.58 -13.36
CA HIS A 295 -12.07 -1.64 -12.63
C HIS A 295 -11.04 -0.77 -13.31
N LEU A 296 -10.50 0.21 -12.57
CA LEU A 296 -9.50 1.10 -13.11
C LEU A 296 -8.17 0.81 -12.42
N ASN A 297 -7.14 0.51 -13.20
CA ASN A 297 -5.80 0.38 -12.66
C ASN A 297 -5.09 1.67 -13.08
N CYS A 298 -4.79 2.51 -12.11
CA CYS A 298 -4.35 3.88 -12.38
C CYS A 298 -3.11 4.26 -11.59
N THR A 299 -2.23 5.04 -12.23
CA THR A 299 -1.17 5.70 -11.50
C THR A 299 -1.37 7.20 -11.66
N VAL A 300 -1.43 7.88 -10.54
CA VAL A 300 -1.44 9.35 -10.54
C VAL A 300 0.06 9.67 -10.44
N PHE A 301 0.59 10.19 -11.53
CA PHE A 301 2.01 10.48 -11.63
C PHE A 301 2.45 11.29 -10.42
N PRO A 302 3.62 11.00 -9.86
CA PRO A 302 4.50 9.92 -10.29
C PRO A 302 4.30 8.57 -9.62
N ASN A 303 3.98 8.57 -8.32
CA ASN A 303 4.15 7.37 -7.51
C ASN A 303 2.99 7.00 -6.61
N ASN A 304 1.77 7.34 -7.04
CA ASN A 304 0.54 6.97 -6.33
C ASN A 304 -0.26 6.09 -7.25
N SER A 305 -0.64 4.89 -6.84
CA SER A 305 -1.43 4.02 -7.72
C SER A 305 -2.66 3.50 -7.02
N MET A 306 -3.54 2.89 -7.80
CA MET A 306 -4.79 2.38 -7.23
C MET A 306 -5.51 1.46 -8.19
N LEU A 307 -6.32 0.64 -7.60
CA LEU A 307 -7.24 -0.23 -8.33
C LEU A 307 -8.61 0.12 -7.80
N THR A 308 -9.42 0.84 -8.57
CA THR A 308 -10.74 1.13 -8.05
C THR A 308 -11.51 -0.18 -8.11
N CYS A 309 -12.59 -0.22 -7.32
CA CYS A 309 -13.44 -1.40 -7.23
C CYS A 309 -12.77 -2.44 -6.34
N SER A 310 -11.56 -2.82 -6.73
CA SER A 310 -10.82 -3.71 -5.85
C SER A 310 -10.56 -2.92 -4.55
N GLY A 311 -10.42 -1.60 -4.65
CA GLY A 311 -10.18 -0.76 -3.48
C GLY A 311 -8.76 -0.68 -2.98
N VAL A 312 -7.79 -0.95 -3.84
CA VAL A 312 -6.38 -0.93 -3.46
C VAL A 312 -5.83 0.47 -3.68
N PHE A 313 -5.14 1.03 -2.70
CA PHE A 313 -4.57 2.37 -2.83
C PHE A 313 -3.11 2.28 -2.36
N LYS A 314 -2.20 2.67 -3.23
CA LYS A 314 -0.78 2.54 -2.98
C LYS A 314 0.04 3.80 -3.06
N VAL A 315 1.08 3.88 -2.25
CA VAL A 315 2.08 4.92 -2.39
C VAL A 315 3.43 4.20 -2.50
N TRP A 316 4.15 4.48 -3.58
CA TRP A 316 5.47 3.89 -3.80
C TRP A 316 6.52 4.90 -3.35
N ASN A 317 6.84 4.89 -2.06
CA ASN A 317 7.71 5.89 -1.49
C ASN A 317 9.17 5.58 -1.81
N PRO A 318 9.86 6.51 -2.45
CA PRO A 318 11.21 6.22 -2.92
C PRO A 318 12.25 6.26 -1.82
N ILE A 319 13.14 5.25 -1.80
CA ILE A 319 14.22 5.27 -0.79
C ILE A 319 15.59 5.45 -1.47
N ASP A 320 15.85 4.60 -2.45
CA ASP A 320 16.97 4.73 -3.35
C ASP A 320 16.65 3.99 -4.65
N ALA A 321 17.57 3.91 -5.59
CA ALA A 321 17.16 3.38 -6.87
C ALA A 321 16.63 1.95 -6.87
N ASN A 322 17.00 1.16 -5.86
CA ASN A 322 16.55 -0.23 -5.77
C ASN A 322 15.84 -0.49 -4.43
N THR A 323 15.26 0.55 -3.82
CA THR A 323 14.53 0.41 -2.55
C THR A 323 13.30 1.32 -2.54
N THR A 324 12.15 0.76 -2.22
CA THR A 324 10.91 1.52 -2.16
C THR A 324 10.10 1.04 -0.98
N GLU A 325 9.47 1.98 -0.27
CA GLU A 325 8.65 1.64 0.88
C GLU A 325 7.20 1.72 0.38
N VAL A 326 6.52 0.58 0.41
CA VAL A 326 5.18 0.48 -0.13
C VAL A 326 4.14 0.67 0.94
N TRP A 327 3.31 1.69 0.79
CA TRP A 327 2.16 1.92 1.66
C TRP A 327 0.88 1.47 0.98
N THR A 328 0.07 0.68 1.70
CA THR A 328 -1.16 0.12 1.14
C THR A 328 -2.34 0.43 2.01
N TYR A 329 -3.28 1.20 1.46
CA TYR A 329 -4.55 1.51 2.12
C TYR A 329 -5.67 0.84 1.35
N ALA A 330 -6.86 0.85 1.94
CA ALA A 330 -8.07 0.40 1.30
C ALA A 330 -8.95 1.62 1.03
N ILE A 331 -9.59 1.66 -0.12
CA ILE A 331 -10.58 2.68 -0.38
C ILE A 331 -11.96 2.02 -0.41
N VAL A 332 -12.92 2.65 0.24
CA VAL A 332 -14.29 2.17 0.26
C VAL A 332 -15.25 3.32 -0.08
N GLU A 333 -16.43 2.97 -0.53
CA GLU A 333 -17.44 3.97 -0.85
C GLU A 333 -18.11 4.33 0.48
N LYS A 334 -18.25 5.63 0.75
CA LYS A 334 -18.81 6.12 2.03
C LYS A 334 -20.17 5.52 2.35
N ASP A 335 -21.02 5.28 1.33
CA ASP A 335 -22.36 4.81 1.60
C ASP A 335 -22.51 3.29 1.68
N MET A 336 -21.40 2.58 1.63
CA MET A 336 -21.44 1.13 1.87
C MET A 336 -21.79 0.91 3.34
N PRO A 337 -22.50 -0.19 3.62
CA PRO A 337 -22.73 -0.58 5.00
C PRO A 337 -21.39 -0.80 5.66
N GLU A 338 -21.32 -0.46 6.94
CA GLU A 338 -20.09 -0.60 7.72
C GLU A 338 -19.58 -2.04 7.88
N ASP A 339 -20.43 -3.02 7.70
CA ASP A 339 -19.85 -4.33 7.81
C ASP A 339 -19.11 -4.66 6.50
N LEU A 340 -19.64 -4.19 5.37
CA LEU A 340 -19.05 -4.37 4.05
C LEU A 340 -17.71 -3.62 3.94
N LYS A 341 -17.70 -2.41 4.47
CA LYS A 341 -16.51 -1.57 4.56
C LYS A 341 -15.38 -2.35 5.22
N ARG A 342 -15.68 -2.98 6.35
CA ARG A 342 -14.71 -3.77 7.09
C ARG A 342 -14.19 -4.94 6.31
N ARG A 343 -15.10 -5.71 5.71
CA ARG A 343 -14.69 -6.89 4.97
C ARG A 343 -13.89 -6.53 3.72
N LEU A 344 -14.27 -5.44 3.07
CA LEU A 344 -13.56 -4.98 1.88
C LEU A 344 -12.15 -4.55 2.20
N ALA A 345 -12.00 -3.81 3.31
CA ALA A 345 -10.68 -3.37 3.78
C ALA A 345 -9.81 -4.59 4.05
N ASP A 346 -10.37 -5.61 4.71
CA ASP A 346 -9.53 -6.80 4.99
C ASP A 346 -9.15 -7.51 3.70
N SER A 347 -10.08 -7.50 2.75
CA SER A 347 -9.83 -8.17 1.47
C SER A 347 -8.77 -7.46 0.61
N VAL A 348 -8.76 -6.14 0.66
CA VAL A 348 -7.70 -5.39 0.04
C VAL A 348 -6.33 -5.82 0.60
N GLN A 349 -6.22 -5.92 1.89
CA GLN A 349 -4.95 -6.28 2.53
C GLN A 349 -4.67 -7.75 2.28
N ARG A 350 -5.71 -8.57 2.36
CA ARG A 350 -5.59 -9.98 2.03
C ARG A 350 -4.94 -10.23 0.66
N THR A 351 -5.24 -9.41 -0.36
CA THR A 351 -4.79 -9.64 -1.72
C THR A 351 -3.56 -8.81 -2.12
N PHE A 352 -3.52 -7.56 -1.65
CA PHE A 352 -2.47 -6.61 -2.01
C PHE A 352 -1.72 -5.95 -0.87
N GLY A 353 -1.93 -6.40 0.36
CA GLY A 353 -1.25 -5.82 1.53
C GLY A 353 0.07 -6.51 1.79
N PRO A 354 0.63 -6.33 2.99
CA PRO A 354 1.94 -6.90 3.34
C PRO A 354 2.04 -8.39 3.12
N ALA A 355 0.95 -9.10 3.38
CA ALA A 355 0.84 -10.53 3.15
C ALA A 355 -0.18 -10.73 2.03
N GLY A 356 -0.19 -9.81 1.06
CA GLY A 356 -1.11 -9.88 -0.07
C GLY A 356 -0.69 -10.96 -1.05
N PHE A 357 -1.49 -12.00 -1.22
CA PHE A 357 -1.07 -13.09 -2.09
C PHE A 357 -0.93 -12.64 -3.57
N TRP A 358 -1.76 -11.71 -4.04
CA TRP A 358 -1.58 -11.19 -5.40
C TRP A 358 -0.31 -10.34 -5.46
N GLU A 359 -0.14 -9.41 -4.51
CA GLU A 359 1.06 -8.56 -4.42
C GLU A 359 2.35 -9.42 -4.52
N SER A 360 2.37 -10.54 -3.80
CA SER A 360 3.54 -11.43 -3.79
C SER A 360 3.90 -11.95 -5.18
N ASP A 361 2.91 -12.13 -6.03
CA ASP A 361 3.19 -12.56 -7.39
C ASP A 361 4.04 -11.55 -8.14
N ASP A 362 3.85 -10.28 -7.80
CA ASP A 362 4.48 -9.19 -8.53
C ASP A 362 5.88 -8.90 -8.04
N ASN A 363 6.18 -9.24 -6.77
CA ASN A 363 7.45 -8.80 -6.20
C ASN A 363 8.69 -9.15 -6.97
N ASP A 364 8.87 -10.42 -7.40
CA ASP A 364 10.12 -10.80 -8.05
C ASP A 364 10.24 -10.06 -9.37
N ASN A 365 9.11 -9.85 -10.02
CA ASN A 365 9.13 -9.13 -11.28
C ASN A 365 9.68 -7.72 -11.05
N MET A 366 9.15 -7.04 -10.04
CA MET A 366 9.53 -5.66 -9.78
C MET A 366 10.97 -5.60 -9.30
N GLU A 367 11.35 -6.48 -8.37
CA GLU A 367 12.69 -6.46 -7.83
C GLU A 367 13.79 -6.76 -8.84
N THR A 368 13.63 -7.84 -9.62
CA THR A 368 14.70 -8.21 -10.55
C THR A 368 14.78 -7.24 -11.72
N ALA A 369 13.65 -6.77 -12.19
CA ALA A 369 13.71 -5.82 -13.29
C ALA A 369 14.44 -4.56 -12.84
N SER A 370 14.22 -4.14 -11.60
CA SER A 370 14.90 -2.96 -11.08
C SER A 370 16.37 -3.23 -10.90
N GLN A 371 16.68 -4.36 -10.27
CA GLN A 371 18.06 -4.69 -9.95
C GLN A 371 18.91 -4.90 -11.22
N ASN A 372 18.31 -5.46 -12.26
CA ASN A 372 19.05 -5.70 -13.50
C ASN A 372 19.48 -4.39 -14.15
N GLY A 373 18.80 -3.30 -13.78
CA GLY A 373 19.15 -1.99 -14.27
C GLY A 373 20.52 -1.48 -13.84
N LYS A 374 21.08 -2.10 -12.79
CA LYS A 374 22.44 -1.79 -12.32
C LYS A 374 23.54 -2.60 -13.02
N LYS A 375 23.16 -3.75 -13.59
CA LYS A 375 24.10 -4.68 -14.18
C LYS A 375 24.69 -4.10 -15.47
N TYR A 376 26.01 -4.19 -15.56
CA TYR A 376 26.77 -3.53 -16.59
C TYR A 376 26.23 -3.70 -18.01
N GLN A 377 25.95 -4.92 -18.39
CA GLN A 377 25.51 -5.20 -19.76
C GLN A 377 24.07 -4.81 -20.03
N SER A 378 23.33 -4.49 -18.96
CA SER A 378 21.92 -4.11 -19.12
C SER A 378 21.63 -2.63 -19.00
N ARG A 379 22.58 -1.85 -18.50
CA ARG A 379 22.33 -0.42 -18.28
C ARG A 379 21.81 0.32 -19.52
N ASP A 380 22.46 0.06 -20.65
CA ASP A 380 22.16 0.73 -21.90
C ASP A 380 21.17 -0.06 -22.78
N SER A 381 20.55 -1.09 -22.20
CA SER A 381 19.56 -1.87 -22.93
C SER A 381 18.20 -1.17 -22.93
N ASP A 382 17.35 -1.57 -23.85
CA ASP A 382 16.05 -0.91 -23.98
C ASP A 382 14.89 -1.75 -23.49
N LEU A 383 14.17 -1.21 -22.51
CA LEU A 383 12.94 -1.77 -22.01
C LEU A 383 11.86 -1.36 -23.02
N LEU A 384 11.05 -2.31 -23.49
CA LEU A 384 10.08 -2.04 -24.56
C LEU A 384 8.67 -1.70 -24.07
N SER A 385 8.05 -0.69 -24.68
CA SER A 385 6.65 -0.30 -24.39
C SER A 385 5.93 0.08 -25.70
N ASN A 386 6.05 -0.80 -26.70
CA ASN A 386 5.51 -0.51 -28.02
C ASN A 386 4.21 -1.22 -28.34
N LEU A 387 3.69 -1.98 -27.41
CA LEU A 387 2.47 -2.75 -27.67
C LEU A 387 1.32 -1.78 -27.92
N GLY A 388 0.66 -1.89 -29.07
CA GLY A 388 -0.46 -1.01 -29.37
C GLY A 388 -0.08 0.32 -30.00
N PHE A 389 1.20 0.55 -30.19
CA PHE A 389 1.63 1.80 -30.76
C PHE A 389 1.12 1.93 -32.20
N GLY A 390 0.63 3.11 -32.53
CA GLY A 390 0.06 3.38 -33.84
C GLY A 390 -1.43 3.09 -33.94
N GLU A 391 -2.06 2.76 -32.81
CA GLU A 391 -3.49 2.54 -32.75
C GLU A 391 -4.16 3.42 -31.69
N ASP A 392 -3.39 4.28 -31.03
CA ASP A 392 -3.95 5.19 -30.01
C ASP A 392 -4.62 6.39 -30.70
N VAL A 393 -5.63 6.97 -30.06
CA VAL A 393 -6.28 8.16 -30.58
C VAL A 393 -6.22 9.25 -29.53
N TYR A 394 -6.50 10.47 -30.00
CA TYR A 394 -6.60 11.65 -29.18
C TYR A 394 -7.91 12.33 -29.57
N GLY A 395 -8.61 12.91 -28.61
CA GLY A 395 -9.80 13.71 -28.88
C GLY A 395 -11.06 12.96 -29.27
N ASP A 396 -11.18 11.71 -28.79
CA ASP A 396 -12.33 10.86 -29.06
C ASP A 396 -13.61 11.51 -28.59
N ALA A 397 -14.72 11.26 -29.28
CA ALA A 397 -15.99 11.90 -28.88
C ALA A 397 -16.51 11.45 -27.53
N VAL A 398 -16.08 10.28 -27.07
CA VAL A 398 -16.65 9.77 -25.82
C VAL A 398 -15.64 9.64 -24.71
N TYR A 399 -14.44 9.18 -25.05
CA TYR A 399 -13.39 8.85 -24.06
C TYR A 399 -12.18 9.74 -24.27
N PRO A 400 -11.89 10.62 -23.32
CA PRO A 400 -10.85 11.64 -23.50
C PRO A 400 -9.44 11.17 -23.19
N GLY A 401 -8.44 11.91 -23.67
CA GLY A 401 -7.05 11.57 -23.44
C GLY A 401 -6.46 10.87 -24.65
N VAL A 402 -5.24 10.37 -24.50
CA VAL A 402 -4.67 9.53 -25.52
C VAL A 402 -5.21 8.18 -25.13
N VAL A 403 -5.93 7.55 -26.03
CA VAL A 403 -6.67 6.35 -25.69
C VAL A 403 -6.35 5.19 -26.65
N GLY A 404 -6.15 4.02 -26.06
CA GLY A 404 -6.04 2.78 -26.81
C GLY A 404 -7.32 1.99 -26.53
N LYS A 405 -8.12 1.76 -27.56
CA LYS A 405 -9.42 1.12 -27.36
C LYS A 405 -9.30 -0.40 -27.32
N SER A 406 -8.50 -0.89 -26.38
CA SER A 406 -8.30 -2.31 -26.17
C SER A 406 -7.93 -2.45 -24.72
N ALA A 407 -8.29 -3.57 -24.11
CA ALA A 407 -7.96 -3.82 -22.70
C ALA A 407 -6.50 -4.00 -22.37
N ILE A 408 -5.77 -4.61 -23.29
CA ILE A 408 -4.35 -4.91 -23.07
C ILE A 408 -3.44 -4.17 -24.04
N GLY A 409 -2.55 -3.35 -23.49
CA GLY A 409 -1.59 -2.65 -24.31
C GLY A 409 -0.58 -1.89 -23.48
N GLU A 410 0.22 -1.04 -24.12
CA GLU A 410 1.25 -0.26 -23.41
C GLU A 410 1.07 1.27 -23.58
N THR A 411 -0.13 1.68 -23.97
CA THR A 411 -0.46 3.10 -24.10
C THR A 411 -0.07 3.89 -22.89
N SER A 412 -0.43 3.40 -21.71
CA SER A 412 -0.21 4.16 -20.50
C SER A 412 1.24 4.21 -20.08
N TYR A 413 2.02 3.19 -20.44
CA TYR A 413 3.46 3.26 -20.22
C TYR A 413 4.05 4.45 -21.04
N ARG A 414 3.63 4.54 -22.30
CA ARG A 414 4.20 5.55 -23.19
C ARG A 414 3.93 6.95 -22.68
N GLY A 415 2.72 7.21 -22.20
CA GLY A 415 2.39 8.52 -21.66
C GLY A 415 3.08 8.81 -20.34
N PHE A 416 3.19 7.80 -19.47
CA PHE A 416 3.93 7.95 -18.21
C PHE A 416 5.37 8.32 -18.50
N TYR A 417 6.02 7.55 -19.37
CA TYR A 417 7.39 7.89 -19.69
C TYR A 417 7.57 9.04 -20.68
N ARG A 418 6.49 9.55 -21.28
CA ARG A 418 6.69 10.72 -22.12
C ARG A 418 6.87 11.95 -21.21
N ALA A 419 6.07 11.91 -20.13
CA ALA A 419 6.05 12.94 -19.06
C ALA A 419 7.31 12.86 -18.20
N TYR A 420 7.74 11.64 -17.88
CA TYR A 420 8.93 11.43 -17.08
C TYR A 420 10.16 12.06 -17.79
N GLN A 421 10.36 11.79 -19.09
CA GLN A 421 11.52 12.34 -19.89
C GLN A 421 11.46 13.85 -19.88
N ALA A 422 10.28 14.38 -20.16
CA ALA A 422 10.06 15.83 -20.18
C ALA A 422 10.47 16.51 -18.85
N HIS A 423 10.14 15.86 -17.73
CA HIS A 423 10.52 16.35 -16.41
C HIS A 423 12.02 16.20 -16.15
N VAL A 424 12.59 15.01 -16.35
CA VAL A 424 14.01 14.77 -16.08
C VAL A 424 14.90 15.74 -16.92
N SER A 425 14.44 16.19 -18.08
CA SER A 425 15.28 17.05 -18.93
C SER A 425 14.93 18.54 -18.82
N SER A 426 14.03 18.87 -17.89
CA SER A 426 13.55 20.24 -17.70
C SER A 426 13.94 20.77 -16.34
N SER A 427 14.22 22.07 -16.29
CA SER A 427 14.64 22.68 -15.01
C SER A 427 13.51 23.28 -14.22
N ASN A 428 12.34 23.36 -14.86
CA ASN A 428 11.20 23.93 -14.18
C ASN A 428 9.92 23.61 -14.95
N TRP A 429 8.80 23.99 -14.36
CA TRP A 429 7.51 23.75 -14.98
C TRP A 429 7.36 24.38 -16.35
N ALA A 430 7.94 25.55 -16.57
CA ALA A 430 7.77 26.19 -17.87
C ALA A 430 8.42 25.38 -18.97
N GLU A 431 9.58 24.86 -18.64
CA GLU A 431 10.33 24.03 -19.57
C GLU A 431 9.56 22.74 -19.82
N PHE A 432 8.97 22.17 -18.78
CA PHE A 432 8.14 20.96 -18.95
C PHE A 432 7.01 21.25 -19.94
N GLU A 433 6.38 22.41 -19.79
CA GLU A 433 5.26 22.77 -20.67
C GLU A 433 5.78 22.91 -22.12
N HIS A 434 6.92 23.56 -22.27
CA HIS A 434 7.51 23.75 -23.59
C HIS A 434 7.79 22.38 -24.24
N ALA A 435 8.23 21.44 -23.43
CA ALA A 435 8.57 20.11 -23.87
C ALA A 435 7.35 19.23 -24.09
N SER A 436 6.19 19.74 -23.75
CA SER A 436 4.95 18.96 -23.81
C SER A 436 3.87 19.56 -24.70
N SER A 437 4.23 20.57 -25.48
CA SER A 437 3.24 21.27 -26.29
C SER A 437 2.64 20.43 -27.42
N THR A 438 3.30 19.33 -27.77
CA THR A 438 2.81 18.39 -28.78
C THR A 438 2.73 16.96 -28.19
N TRP A 439 2.37 16.85 -26.91
CA TRP A 439 2.41 15.56 -26.22
C TRP A 439 1.51 14.52 -26.86
N HIS A 440 0.29 14.88 -27.23
CA HIS A 440 -0.60 13.87 -27.77
C HIS A 440 -0.22 13.48 -29.19
N THR A 441 0.24 14.44 -29.96
CA THR A 441 0.70 14.15 -31.28
C THR A 441 1.86 13.14 -31.19
N GLU A 442 2.73 13.34 -30.22
CA GLU A 442 3.89 12.45 -30.07
C GLU A 442 3.43 11.04 -29.76
N LEU A 443 2.44 10.91 -28.87
CA LEU A 443 1.91 9.59 -28.46
C LEU A 443 1.11 8.85 -29.54
N THR A 444 0.49 9.60 -30.43
CA THR A 444 -0.34 8.96 -31.44
C THR A 444 0.32 8.78 -32.82
N LYS A 445 1.60 9.12 -32.96
CA LYS A 445 2.35 8.97 -34.22
C LYS A 445 2.08 7.61 -34.84
N THR A 446 2.22 7.57 -36.17
CA THR A 446 1.94 6.38 -36.98
C THR A 446 0.44 6.01 -37.03
N THR A 447 -0.41 6.60 -36.16
CA THR A 447 -1.84 6.26 -36.24
C THR A 447 -2.50 7.09 -37.36
N ASP A 448 -3.04 6.56 -38.34
N MET B 2 -0.92 -9.54 39.98
CA MET B 2 0.16 -8.69 40.57
C MET B 2 0.12 -7.31 39.94
N ILE B 3 0.45 -7.26 38.65
CA ILE B 3 0.33 -6.06 37.83
C ILE B 3 -0.83 -5.11 38.06
N ASN B 4 -0.45 -3.88 38.36
CA ASN B 4 -1.35 -2.76 38.50
C ASN B 4 -0.94 -1.79 37.37
N ILE B 5 -1.75 -1.64 36.34
CA ILE B 5 -1.36 -0.83 35.19
C ILE B 5 -1.35 0.66 35.48
N GLN B 6 -1.90 1.06 36.61
CA GLN B 6 -1.85 2.45 37.02
C GLN B 6 -0.41 2.76 37.45
N GLU B 7 0.24 1.78 38.06
CA GLU B 7 1.65 1.93 38.46
C GLU B 7 2.60 1.53 37.33
N ASP B 8 2.33 0.40 36.70
CA ASP B 8 3.18 -0.10 35.61
C ASP B 8 2.69 0.59 34.34
N LYS B 9 3.13 1.84 34.18
CA LYS B 9 2.62 2.76 33.18
C LYS B 9 2.71 2.31 31.72
N LEU B 10 3.64 1.41 31.39
CA LEU B 10 3.86 1.04 30.00
C LEU B 10 3.06 -0.20 29.61
N VAL B 11 2.33 -0.76 30.54
CA VAL B 11 1.64 -2.03 30.31
C VAL B 11 0.23 -1.83 29.84
N SER B 12 -0.14 -2.51 28.77
CA SER B 12 -1.52 -2.38 28.26
C SER B 12 -2.47 -3.29 29.05
N ALA B 13 -3.74 -2.92 29.11
CA ALA B 13 -4.71 -3.74 29.83
C ALA B 13 -4.74 -5.16 29.25
N HIS B 14 -4.65 -5.25 27.93
CA HIS B 14 -4.70 -6.57 27.32
C HIS B 14 -3.54 -7.42 27.78
N ASP B 15 -2.35 -6.84 27.76
CA ASP B 15 -1.16 -7.60 28.18
C ASP B 15 -1.26 -8.06 29.64
N ALA B 16 -1.76 -7.17 30.52
CA ALA B 16 -1.89 -7.48 31.95
C ALA B 16 -2.87 -8.65 32.14
N GLU B 17 -3.93 -8.67 31.35
CA GLU B 17 -4.88 -9.77 31.45
C GLU B 17 -4.23 -11.11 31.12
N GLU B 18 -3.32 -11.12 30.14
CA GLU B 18 -2.66 -12.36 29.76
C GLU B 18 -1.63 -12.84 30.77
N ILE B 19 -0.91 -11.93 31.41
CA ILE B 19 -0.01 -12.29 32.50
C ILE B 19 -0.81 -13.11 33.52
N LEU B 20 -1.92 -12.55 33.97
CA LEU B 20 -2.76 -13.18 34.99
C LEU B 20 -3.16 -14.62 34.65
N ARG B 21 -3.46 -14.88 33.40
CA ARG B 21 -3.92 -16.21 33.05
C ARG B 21 -2.84 -17.31 33.22
N PHE B 22 -1.57 -16.95 33.07
CA PHE B 22 -0.51 -17.96 33.17
C PHE B 22 0.16 -18.02 34.51
N PHE B 23 0.16 -16.92 35.25
CA PHE B 23 0.85 -16.89 36.55
C PHE B 23 0.08 -17.75 37.55
N ASN B 24 -1.23 -17.88 37.34
CA ASN B 24 -2.07 -18.70 38.21
C ASN B 24 -2.31 -20.10 37.67
N CYS B 25 -2.47 -21.05 38.56
CA CYS B 25 -2.76 -22.46 38.23
C CYS B 25 -1.91 -23.00 37.07
N HIS B 26 -0.77 -23.58 37.43
CA HIS B 26 0.12 -24.13 36.43
C HIS B 26 -0.01 -25.65 36.39
N ASP B 27 -0.06 -26.18 35.17
CA ASP B 27 -0.18 -27.62 34.92
C ASP B 27 0.99 -28.02 34.02
N SER B 28 2.02 -28.59 34.60
CA SER B 28 3.22 -28.95 33.86
C SER B 28 2.97 -29.86 32.66
N ALA B 29 2.02 -30.77 32.80
CA ALA B 29 1.71 -31.71 31.72
C ALA B 29 1.12 -30.99 30.52
N LEU B 30 0.31 -29.98 30.80
CA LEU B 30 -0.30 -29.18 29.76
C LEU B 30 0.77 -28.39 29.00
N GLN B 31 1.77 -27.93 29.73
CA GLN B 31 2.82 -27.19 29.08
C GLN B 31 3.55 -28.09 28.10
N GLN B 32 3.78 -29.34 28.52
CA GLN B 32 4.45 -30.29 27.67
C GLN B 32 3.59 -30.64 26.44
N GLU B 33 2.29 -30.82 26.64
CA GLU B 33 1.40 -31.10 25.54
C GLU B 33 1.44 -29.91 24.55
N ALA B 34 1.46 -28.70 25.07
CA ALA B 34 1.41 -27.54 24.17
C ALA B 34 2.71 -27.46 23.39
N THR B 35 3.80 -27.83 24.06
CA THR B 35 5.08 -27.79 23.38
C THR B 35 5.09 -28.76 22.21
N THR B 36 4.57 -29.97 22.45
CA THR B 36 4.49 -30.96 21.41
C THR B 36 3.64 -30.48 20.25
N LEU B 37 2.48 -29.95 20.56
CA LEU B 37 1.57 -29.47 19.55
C LEU B 37 2.25 -28.44 18.65
N LEU B 38 2.91 -27.48 19.27
CA LEU B 38 3.53 -26.39 18.52
C LEU B 38 4.77 -26.81 17.77
N THR B 39 5.52 -27.74 18.34
CA THR B 39 6.70 -28.20 17.65
C THR B 39 6.29 -28.98 16.41
N GLN B 40 5.21 -29.76 16.54
CA GLN B 40 4.76 -30.53 15.42
C GLN B 40 4.17 -29.61 14.35
N GLU B 41 3.43 -28.61 14.78
CA GLU B 41 2.90 -27.62 13.85
C GLU B 41 4.05 -26.98 13.05
N ALA B 42 5.08 -26.57 13.76
CA ALA B 42 6.19 -25.86 13.12
C ALA B 42 6.94 -26.76 12.13
N HIS B 43 6.99 -28.03 12.45
CA HIS B 43 7.66 -28.99 11.62
C HIS B 43 6.90 -29.13 10.30
N LEU B 44 5.56 -29.26 10.41
CA LEU B 44 4.75 -29.42 9.23
C LEU B 44 4.91 -28.18 8.30
N LEU B 45 4.88 -27.00 8.90
CA LEU B 45 5.05 -25.75 8.16
C LEU B 45 6.43 -25.68 7.53
N ASP B 46 7.45 -26.05 8.29
CA ASP B 46 8.84 -25.93 7.81
C ASP B 46 9.08 -26.79 6.58
N ILE B 47 8.42 -27.94 6.48
CA ILE B 47 8.59 -28.82 5.31
C ILE B 47 7.56 -28.52 4.22
N GLN B 48 6.81 -27.43 4.45
CA GLN B 48 5.81 -26.93 3.51
C GLN B 48 4.68 -27.93 3.25
N ALA B 49 4.30 -28.65 4.31
CA ALA B 49 3.18 -29.60 4.25
C ALA B 49 1.94 -28.83 4.63
N TYR B 50 1.59 -27.84 3.82
CA TYR B 50 0.51 -26.95 4.13
C TYR B 50 -0.84 -27.65 4.24
N ARG B 51 -1.09 -28.65 3.41
CA ARG B 51 -2.38 -29.36 3.50
C ARG B 51 -2.45 -30.13 4.79
N ALA B 52 -1.34 -30.78 5.15
CA ALA B 52 -1.25 -31.51 6.42
C ALA B 52 -1.43 -30.58 7.59
N TRP B 53 -0.85 -29.39 7.49
CA TRP B 53 -1.05 -28.41 8.54
C TRP B 53 -2.53 -28.09 8.73
N LEU B 54 -3.23 -27.82 7.63
CA LEU B 54 -4.65 -27.48 7.72
C LEU B 54 -5.43 -28.66 8.31
N GLU B 55 -5.10 -29.84 7.86
CA GLU B 55 -5.86 -31.03 8.25
C GLU B 55 -5.60 -31.46 9.69
N HIS B 56 -4.37 -31.31 10.15
CA HIS B 56 -3.99 -31.80 11.45
C HIS B 56 -3.91 -30.75 12.55
N CYS B 57 -3.75 -29.47 12.17
CA CYS B 57 -3.47 -28.45 13.16
C CYS B 57 -4.46 -27.31 13.24
N VAL B 58 -5.31 -27.15 12.22
CA VAL B 58 -6.16 -25.95 12.15
C VAL B 58 -7.65 -26.32 12.24
N GLY B 59 -8.33 -25.71 13.19
CA GLY B 59 -9.75 -26.00 13.41
C GLY B 59 -10.65 -25.30 12.41
N SER B 60 -11.80 -25.90 12.13
CA SER B 60 -12.74 -25.34 11.17
C SER B 60 -13.18 -23.92 11.53
N GLU B 61 -13.25 -23.62 12.81
CA GLU B 61 -13.73 -22.32 13.29
C GLU B 61 -12.60 -21.34 13.50
N VAL B 62 -11.45 -21.61 12.98
CA VAL B 62 -10.30 -20.76 13.23
C VAL B 62 -10.42 -19.33 12.77
N GLN B 63 -9.80 -18.45 13.55
CA GLN B 63 -9.51 -17.08 13.16
C GLN B 63 -7.98 -16.95 13.25
N TYR B 64 -7.33 -16.69 12.12
CA TYR B 64 -5.86 -16.58 12.08
C TYR B 64 -5.54 -15.14 11.73
N GLN B 65 -5.06 -14.38 12.70
CA GLN B 65 -4.96 -12.94 12.58
C GLN B 65 -3.59 -12.42 12.96
N VAL B 66 -3.04 -11.57 12.09
CA VAL B 66 -1.77 -10.89 12.34
C VAL B 66 -2.05 -9.42 12.04
N ILE B 67 -1.88 -8.54 13.03
CA ILE B 67 -2.11 -7.12 12.85
C ILE B 67 -0.83 -6.31 12.78
N SER B 68 -0.94 -5.11 12.20
CA SER B 68 0.15 -4.13 12.23
C SER B 68 -0.45 -2.89 12.86
N ARG B 69 0.03 -2.45 14.03
CA ARG B 69 -0.53 -1.31 14.78
C ARG B 69 0.17 -0.02 14.42
N GLU B 70 -0.64 1.01 14.14
CA GLU B 70 -0.11 2.32 13.76
C GLU B 70 0.60 2.89 14.96
N LEU B 71 1.75 3.51 14.74
CA LEU B 71 2.52 4.12 15.82
C LEU B 71 1.88 5.42 16.22
N ARG B 72 1.48 5.49 17.49
CA ARG B 72 0.82 6.66 18.05
C ARG B 72 1.57 7.08 19.30
N ALA B 73 1.30 8.29 19.78
CA ALA B 73 1.98 8.83 20.97
C ALA B 73 1.60 8.06 22.24
N ALA B 74 2.54 7.89 23.17
CA ALA B 74 2.28 7.19 24.44
C ALA B 74 1.19 7.94 25.24
N SER B 75 1.25 9.28 25.17
CA SER B 75 0.28 10.19 25.83
C SER B 75 -0.97 10.53 25.02
N GLU B 76 -1.16 9.87 23.87
CA GLU B 76 -2.33 10.16 23.03
C GLU B 76 -3.60 9.74 23.74
N ARG B 77 -4.58 10.64 23.77
CA ARG B 77 -5.89 10.33 24.34
C ARG B 77 -7.09 10.86 23.51
N ARG B 78 -6.85 11.57 22.40
CA ARG B 78 -7.96 12.11 21.56
C ARG B 78 -8.22 11.39 20.20
N TYR B 79 -7.17 11.04 19.46
CA TYR B 79 -7.31 10.40 18.15
C TYR B 79 -7.74 8.94 18.32
N LYS B 80 -8.92 8.61 17.80
CA LYS B 80 -9.60 7.34 18.08
C LYS B 80 -9.85 6.47 16.81
N LEU B 81 -9.28 6.83 15.65
CA LEU B 81 -9.43 6.05 14.42
C LEU B 81 -8.69 4.67 14.45
N ASN B 82 -9.14 3.78 13.56
CA ASN B 82 -8.65 2.43 13.47
C ASN B 82 -7.18 2.37 13.89
N GLU B 83 -6.88 1.60 14.94
CA GLU B 83 -5.54 1.51 15.50
C GLU B 83 -4.66 0.55 14.73
N ALA B 84 -5.30 -0.36 14.00
CA ALA B 84 -4.57 -1.40 13.31
C ALA B 84 -5.21 -1.88 12.02
N MET B 85 -4.40 -2.62 11.31
CA MET B 85 -4.85 -3.27 10.09
C MET B 85 -4.50 -4.73 10.11
N ASN B 86 -5.21 -5.50 9.30
CA ASN B 86 -5.03 -6.94 9.28
C ASN B 86 -4.13 -7.41 8.15
N VAL B 87 -2.91 -7.77 8.50
CA VAL B 87 -2.02 -8.41 7.56
C VAL B 87 -2.63 -9.78 7.18
N TYR B 88 -3.11 -10.51 8.19
CA TYR B 88 -3.91 -11.71 8.03
C TYR B 88 -5.14 -11.56 8.92
N ASN B 89 -6.29 -12.01 8.44
CA ASN B 89 -7.48 -12.12 9.31
C ASN B 89 -8.33 -13.17 8.61
N GLU B 90 -7.89 -14.42 8.74
CA GLU B 90 -8.41 -15.49 7.94
C GLU B 90 -9.27 -16.52 8.63
N ASN B 91 -10.32 -16.91 7.94
CA ASN B 91 -11.09 -18.10 8.36
C ASN B 91 -10.47 -19.32 7.66
N PHE B 92 -11.01 -20.50 7.93
CA PHE B 92 -10.47 -21.72 7.36
C PHE B 92 -10.44 -21.68 5.84
N GLN B 93 -11.52 -21.22 5.20
CA GLN B 93 -11.59 -21.15 3.76
C GLN B 93 -10.50 -20.25 3.20
N GLN B 94 -10.25 -19.15 3.88
CA GLN B 94 -9.26 -18.18 3.43
C GLN B 94 -7.85 -18.77 3.57
N LEU B 95 -7.59 -19.50 4.65
CA LEU B 95 -6.31 -20.19 4.76
C LEU B 95 -6.19 -21.19 3.64
N LYS B 96 -7.27 -21.91 3.36
CA LYS B 96 -7.23 -22.87 2.28
C LYS B 96 -6.84 -22.22 0.95
N VAL B 97 -7.40 -21.05 0.65
CA VAL B 97 -7.07 -20.32 -0.58
C VAL B 97 -5.55 -20.04 -0.59
N ARG B 98 -5.01 -19.58 0.53
CA ARG B 98 -3.57 -19.29 0.61
C ARG B 98 -2.73 -20.54 0.39
N VAL B 99 -3.24 -21.67 0.88
CA VAL B 99 -2.53 -22.94 0.74
C VAL B 99 -2.56 -23.36 -0.73
N GLU B 100 -3.70 -23.25 -1.38
CA GLU B 100 -3.77 -23.59 -2.79
C GLU B 100 -2.82 -22.70 -3.61
N HIS B 101 -2.72 -21.43 -3.25
CA HIS B 101 -1.83 -20.49 -3.91
C HIS B 101 -0.36 -20.93 -3.76
N GLN B 102 0.02 -21.43 -2.59
CA GLN B 102 1.35 -21.93 -2.33
C GLN B 102 1.64 -23.18 -3.18
N LEU B 103 0.64 -24.04 -3.34
CA LEU B 103 0.83 -25.31 -4.04
C LEU B 103 0.67 -25.29 -5.55
N ASP B 104 0.15 -24.18 -6.09
CA ASP B 104 -0.16 -24.08 -7.52
C ASP B 104 1.13 -24.20 -8.29
N PRO B 105 1.24 -25.05 -9.29
CA PRO B 105 2.49 -25.16 -10.02
C PRO B 105 2.86 -23.89 -10.80
N GLN B 106 1.96 -22.93 -10.91
CA GLN B 106 2.30 -21.68 -11.59
C GLN B 106 2.62 -20.57 -10.61
N ASN B 107 2.83 -20.93 -9.34
CA ASN B 107 3.27 -19.96 -8.36
C ASN B 107 4.78 -19.83 -8.64
N TRP B 108 5.14 -18.90 -9.50
CA TRP B 108 6.51 -18.86 -9.97
C TRP B 108 7.52 -18.56 -8.88
N GLY B 109 7.10 -17.83 -7.86
CA GLY B 109 7.97 -17.43 -6.78
C GLY B 109 8.42 -18.58 -5.94
N ASN B 110 7.74 -19.74 -6.07
CA ASN B 110 8.09 -20.96 -5.32
C ASN B 110 9.09 -21.89 -6.01
N SER B 111 9.71 -21.40 -7.08
CA SER B 111 10.75 -22.17 -7.78
C SER B 111 11.93 -21.24 -7.99
N PRO B 112 13.09 -21.59 -7.47
CA PRO B 112 13.35 -22.83 -6.73
C PRO B 112 12.67 -22.84 -5.36
N LYS B 113 12.52 -24.03 -4.79
CA LYS B 113 11.82 -24.22 -3.50
C LYS B 113 12.40 -23.42 -2.36
N LEU B 114 11.51 -22.72 -1.66
CA LEU B 114 11.89 -21.94 -0.49
C LEU B 114 12.38 -22.86 0.61
N ARG B 115 13.09 -22.29 1.57
CA ARG B 115 13.57 -23.03 2.72
C ARG B 115 13.14 -22.27 3.97
N PHE B 116 12.41 -22.96 4.85
CA PHE B 116 11.89 -22.40 6.09
C PHE B 116 12.48 -23.14 7.27
N THR B 117 12.78 -22.37 8.31
CA THR B 117 13.23 -22.91 9.58
C THR B 117 12.60 -22.04 10.68
N ARG B 118 11.82 -22.67 11.54
CA ARG B 118 11.10 -22.00 12.64
C ARG B 118 11.64 -22.40 14.02
N PHE B 119 11.75 -21.43 14.90
CA PHE B 119 12.25 -21.63 16.25
C PHE B 119 11.17 -21.17 17.21
N ILE B 120 10.59 -22.14 17.92
CA ILE B 120 9.48 -21.87 18.83
C ILE B 120 9.99 -21.95 20.26
N THR B 121 9.78 -20.89 21.03
CA THR B 121 10.22 -20.82 22.41
C THR B 121 9.19 -20.18 23.35
N ASN B 122 9.54 -20.14 24.63
CA ASN B 122 8.75 -19.47 25.66
C ASN B 122 7.29 -19.94 25.70
N VAL B 123 7.11 -21.25 25.58
CA VAL B 123 5.76 -21.82 25.55
C VAL B 123 5.12 -21.74 26.94
N GLN B 124 3.89 -21.20 26.96
CA GLN B 124 3.08 -21.21 28.17
C GLN B 124 1.69 -21.73 27.81
N ALA B 125 1.05 -22.43 28.73
CA ALA B 125 -0.27 -22.99 28.48
C ALA B 125 -1.16 -22.89 29.73
N ALA B 126 -2.40 -22.53 29.52
CA ALA B 126 -3.37 -22.46 30.61
C ALA B 126 -4.75 -22.76 30.05
N MET B 127 -5.50 -23.59 30.77
CA MET B 127 -6.87 -23.87 30.38
C MET B 127 -7.74 -22.64 30.59
N ASP B 128 -8.70 -22.47 29.70
CA ASP B 128 -9.69 -21.40 29.77
C ASP B 128 -10.57 -21.69 30.98
N VAL B 129 -10.95 -20.64 31.68
CA VAL B 129 -11.79 -20.79 32.86
C VAL B 129 -13.21 -21.25 32.59
N ASN B 130 -13.77 -20.89 31.44
CA ASN B 130 -15.17 -21.19 31.12
C ASN B 130 -15.36 -22.36 30.15
N ASP B 131 -14.60 -22.34 29.08
CA ASP B 131 -14.73 -23.40 28.11
C ASP B 131 -13.65 -24.44 28.38
N LYS B 132 -13.98 -25.38 29.27
CA LYS B 132 -13.04 -26.43 29.67
C LYS B 132 -12.50 -27.18 28.47
N GLU B 133 -12.99 -26.87 27.29
CA GLU B 133 -12.49 -27.49 26.08
C GLU B 133 -11.34 -26.62 25.53
N LEU B 134 -11.31 -25.32 25.96
CA LEU B 134 -10.35 -24.33 25.45
C LEU B 134 -9.09 -24.03 26.28
N LEU B 135 -7.97 -24.27 25.57
CA LEU B 135 -6.54 -24.13 25.97
C LEU B 135 -5.84 -22.98 25.31
N HIS B 136 -5.40 -22.09 26.18
CA HIS B 136 -4.67 -20.89 25.79
C HIS B 136 -3.20 -21.26 25.73
N ILE B 137 -2.54 -21.00 24.59
CA ILE B 137 -1.13 -21.27 24.47
C ILE B 137 -0.46 -20.01 23.99
N ARG B 138 0.58 -19.58 24.69
CA ARG B 138 1.41 -18.46 24.25
C ARG B 138 2.79 -19.00 23.86
N SER B 139 3.36 -18.49 22.77
CA SER B 139 4.70 -18.91 22.36
C SER B 139 5.30 -17.82 21.47
N ASN B 140 6.62 -17.79 21.38
CA ASN B 140 7.32 -16.87 20.53
C ASN B 140 7.95 -17.63 19.36
N VAL B 141 8.02 -16.97 18.21
CA VAL B 141 8.58 -17.60 17.03
C VAL B 141 9.63 -16.71 16.36
N ILE B 142 10.72 -17.35 15.97
CA ILE B 142 11.67 -16.78 15.04
C ILE B 142 11.48 -17.63 13.78
N LEU B 143 11.25 -16.98 12.64
CA LEU B 143 11.02 -17.69 11.42
C LEU B 143 12.00 -17.18 10.38
N HIS B 144 12.80 -18.10 9.90
CA HIS B 144 13.84 -17.84 8.92
C HIS B 144 13.40 -18.36 7.56
N ARG B 145 13.34 -17.48 6.57
CA ARG B 145 12.98 -17.86 5.21
C ARG B 145 14.18 -17.63 4.27
N ALA B 146 14.67 -18.65 3.59
CA ALA B 146 15.78 -18.45 2.66
C ALA B 146 15.34 -18.80 1.25
N ARG B 147 15.68 -17.97 0.27
CA ARG B 147 15.39 -18.30 -1.13
C ARG B 147 16.34 -17.58 -2.09
N ARG B 148 16.46 -18.20 -3.26
CA ARG B 148 17.15 -17.63 -4.40
C ARG B 148 18.57 -17.18 -4.14
N GLY B 149 19.26 -18.00 -3.36
CA GLY B 149 20.67 -17.84 -3.18
C GLY B 149 21.06 -16.94 -2.06
N ASN B 150 20.57 -15.70 -2.11
CA ASN B 150 21.00 -14.72 -1.14
C ASN B 150 19.91 -13.87 -0.52
N GLN B 151 18.66 -14.31 -0.63
CA GLN B 151 17.56 -13.64 0.06
C GLN B 151 17.36 -14.35 1.36
N VAL B 152 17.43 -13.60 2.46
CA VAL B 152 17.22 -14.15 3.78
C VAL B 152 16.34 -13.18 4.55
N ASP B 153 15.22 -13.67 5.06
CA ASP B 153 14.29 -12.85 5.83
C ASP B 153 13.98 -13.56 7.15
N VAL B 154 14.01 -12.79 8.22
CA VAL B 154 13.84 -13.36 9.56
C VAL B 154 12.73 -12.59 10.26
N PHE B 155 11.72 -13.32 10.70
CA PHE B 155 10.57 -12.75 11.36
C PHE B 155 10.59 -13.11 12.84
N TYR B 156 10.07 -12.22 13.68
CA TYR B 156 10.07 -12.39 15.12
C TYR B 156 8.69 -12.00 15.62
N ALA B 157 8.06 -12.80 16.47
CA ALA B 157 6.73 -12.47 16.97
C ALA B 157 6.31 -13.30 18.17
N ALA B 158 5.37 -12.77 18.95
CA ALA B 158 4.71 -13.49 20.03
C ALA B 158 3.33 -13.93 19.49
N ARG B 159 2.90 -15.14 19.83
CA ARG B 159 1.63 -15.66 19.36
C ARG B 159 0.72 -15.96 20.51
N GLU B 160 -0.46 -15.37 20.47
CA GLU B 160 -1.51 -15.67 21.45
C GLU B 160 -2.50 -16.61 20.77
N ASP B 161 -2.46 -17.90 21.15
CA ASP B 161 -3.32 -18.92 20.54
C ASP B 161 -4.38 -19.45 21.48
N LYS B 162 -5.44 -19.94 20.85
CA LYS B 162 -6.47 -20.75 21.51
C LYS B 162 -6.54 -22.05 20.70
N TRP B 163 -6.46 -23.17 21.41
CA TRP B 163 -6.51 -24.48 20.81
C TRP B 163 -7.66 -25.29 21.45
N LYS B 164 -8.39 -26.03 20.65
CA LYS B 164 -9.49 -26.84 21.18
C LYS B 164 -9.50 -28.24 20.57
N ARG B 165 -9.88 -29.25 21.34
CA ARG B 165 -9.91 -30.59 20.77
C ARG B 165 -11.03 -30.68 19.79
N GLY B 166 -10.75 -31.29 18.68
CA GLY B 166 -11.74 -31.40 17.65
C GLY B 166 -12.05 -32.84 17.34
N GLU B 167 -12.27 -33.08 16.07
CA GLU B 167 -12.65 -34.40 15.65
C GLU B 167 -11.48 -35.34 15.85
N GLY B 168 -11.83 -36.49 16.40
CA GLY B 168 -10.86 -37.49 16.74
C GLY B 168 -10.18 -37.10 18.04
N GLY B 169 -10.68 -36.03 18.65
CA GLY B 169 -10.14 -35.51 19.91
C GLY B 169 -8.77 -34.86 19.76
N VAL B 170 -8.38 -34.54 18.54
CA VAL B 170 -7.10 -33.89 18.36
C VAL B 170 -7.24 -32.38 18.65
N ARG B 171 -6.30 -31.82 19.41
CA ARG B 171 -6.31 -30.38 19.69
C ARG B 171 -5.90 -29.63 18.43
N LYS B 172 -6.70 -28.64 18.04
CA LYS B 172 -6.43 -27.85 16.84
C LYS B 172 -6.51 -26.38 17.15
N LEU B 173 -5.88 -25.56 16.31
CA LEU B 173 -5.87 -24.13 16.49
C LEU B 173 -7.23 -23.51 16.11
N VAL B 174 -7.83 -22.77 17.05
CA VAL B 174 -9.09 -22.05 16.81
C VAL B 174 -8.89 -20.54 16.76
N GLN B 175 -7.81 -20.05 17.32
CA GLN B 175 -7.48 -18.64 17.19
C GLN B 175 -5.97 -18.46 17.31
N ARG B 176 -5.40 -17.69 16.40
CA ARG B 176 -4.04 -17.23 16.56
C ARG B 176 -4.10 -15.71 16.38
N PHE B 177 -3.49 -15.00 17.32
CA PHE B 177 -3.41 -13.55 17.27
C PHE B 177 -1.94 -13.13 17.43
N VAL B 178 -1.46 -12.32 16.49
CA VAL B 178 -0.10 -11.79 16.54
C VAL B 178 -0.19 -10.31 16.27
N ASP B 179 0.44 -9.52 17.12
CA ASP B 179 0.55 -8.07 16.95
C ASP B 179 2.02 -7.93 16.47
N TYR B 180 2.20 -7.78 15.17
CA TYR B 180 3.55 -7.92 14.60
C TYR B 180 4.41 -6.78 15.08
N PRO B 181 5.57 -7.04 15.66
CA PRO B 181 6.32 -5.96 16.33
C PRO B 181 7.02 -4.92 15.49
N GLU B 182 7.38 -5.23 14.25
CA GLU B 182 7.99 -4.26 13.36
C GLU B 182 6.90 -3.61 12.51
N ARG B 183 6.79 -2.30 12.62
CA ARG B 183 5.76 -1.57 11.90
C ARG B 183 5.99 -1.59 10.38
N ILE B 184 7.22 -1.32 9.95
CA ILE B 184 7.53 -1.31 8.51
C ILE B 184 8.28 -2.60 8.24
N LEU B 185 7.73 -3.49 7.46
CA LEU B 185 8.42 -4.75 7.22
C LEU B 185 9.67 -4.57 6.36
N GLN B 186 10.73 -5.25 6.76
CA GLN B 186 11.98 -5.23 6.02
C GLN B 186 12.35 -6.63 5.50
N THR B 187 11.33 -7.43 5.21
CA THR B 187 11.44 -8.81 4.76
C THR B 187 10.79 -9.05 3.38
N HIS B 188 10.59 -7.99 2.60
CA HIS B 188 9.95 -8.01 1.29
C HIS B 188 8.42 -8.20 1.34
N ASN B 189 7.92 -8.99 2.27
CA ASN B 189 6.50 -9.22 2.46
C ASN B 189 6.35 -9.97 3.77
N LEU B 190 5.11 -10.28 4.15
CA LEU B 190 4.82 -11.11 5.34
C LEU B 190 4.16 -12.43 4.92
N MET B 191 4.59 -12.93 3.76
CA MET B 191 3.98 -14.14 3.19
C MET B 191 4.51 -15.43 3.78
N VAL B 192 4.44 -15.51 5.09
CA VAL B 192 4.80 -16.69 5.86
C VAL B 192 3.70 -16.91 6.90
N PHE B 193 3.48 -18.16 7.27
CA PHE B 193 2.56 -18.45 8.34
C PHE B 193 3.29 -18.43 9.66
N LEU B 194 3.08 -17.39 10.45
CA LEU B 194 3.63 -17.30 11.78
C LEU B 194 2.86 -18.22 12.69
C1 EDO C . 11.23 15.78 -2.80
O1 EDO C . 11.42 16.91 -1.97
C2 EDO C . 12.46 14.87 -2.86
O2 EDO C . 12.58 14.13 -1.64
C1 EDO D . 16.79 23.88 10.03
O1 EDO D . 15.69 24.49 9.36
C2 EDO D . 16.88 22.36 9.91
O2 EDO D . 16.96 21.79 8.62
C1 EDO E . -11.24 -2.13 8.71
O1 EDO E . -10.32 -1.20 9.27
C2 EDO E . -10.93 -3.61 8.91
O2 EDO E . -11.34 -4.07 10.19
O1 OXY F . -1.78 -6.89 -10.46
O2 OXY F . -1.09 -5.63 -10.37
S SO4 G . 8.34 37.49 17.58
O1 SO4 G . 9.43 36.57 17.92
O2 SO4 G . 8.03 37.29 16.17
O3 SO4 G . 7.18 37.19 18.41
O4 SO4 G . 8.84 38.88 17.77
FE1 FES H . 16.69 22.35 19.27
FE2 FES H . 14.57 21.26 18.08
S1 FES H . 14.56 22.57 19.88
S2 FES H . 16.68 20.88 17.59
FE FE I . 0.25 -7.51 -10.75
C1 EDO J . 1.70 -18.08 4.01
O1 EDO J . 1.69 -16.78 3.46
C2 EDO J . 2.37 -19.05 3.06
O2 EDO J . 3.78 -18.88 3.17
C1 EDO K . -10.50 11.35 14.42
O1 EDO K . -10.80 12.72 14.41
C2 EDO K . -11.23 10.69 15.57
O2 EDO K . -10.38 10.63 16.69
S SO4 L . -11.37 -8.65 15.84
O1 SO4 L . -10.20 -7.98 15.25
O2 SO4 L . -11.70 -9.84 15.07
O3 SO4 L . -11.06 -9.03 17.24
O4 SO4 L . -12.52 -7.74 15.86
S SO4 M . -12.23 -29.53 13.69
O1 SO4 M . -11.42 -30.74 13.65
O2 SO4 M . -12.20 -28.90 12.39
O3 SO4 M . -13.63 -29.81 14.04
O4 SO4 M . -11.71 -28.59 14.70
C1 EDO N . 17.33 -31.96 6.89
O1 EDO N . 16.16 -31.21 6.88
C2 EDO N . 18.31 -31.27 7.83
O2 EDO N . 18.41 -29.88 7.54
#